data_6CML
#
_entry.id   6CML
#
_cell.length_a   87.640
_cell.length_b   106.230
_cell.length_c   208.280
_cell.angle_alpha   90.00
_cell.angle_beta   90.00
_cell.angle_gamma   90.00
#
_symmetry.space_group_name_H-M   'P 21 21 21'
#
loop_
_entity.id
_entity.type
_entity.pdbx_description
1 polymer 'Methionyl-tRNA synthetase'
2 non-polymer METHIONINE
3 non-polymer 1-[(5-chloro-1H-imidazo[4,5-b]pyridin-2-yl)methyl]-4-[(2-chloro-4-methoxyphenyl)methyl]-3-ethyl-1,3-dihydro-2H-imidazol-2-one
4 non-polymer GLYCEROL
5 water water
#
_entity_poly.entity_id   1
_entity_poly.type   'polypeptide(L)'
_entity_poly.pdbx_seq_one_letter_code
;GPGSMKVEKVFFVTSPIYYVNAAPHIGHVYSTLITDVIGRYHRVKGERVFALTGTDEHGQKVAEAAKQKQVSPYDFTTAV
AGEFKKCFEQMDYSIDYFIRTTNEQHKAVVKELWTKLEQKGDIYLGRYEGWYSISDESFLTPQNITDGVDKDGNPCKVSL
ESGHVVTWVSEENYMFRLSAFRERLLEWYHANPGCIVPEFRRREVIRAVEKGLPDLSVSRARATLHNWAIPVPGNPDHCV
YVWLDALTNYLTGSRLRVDESGKEVSLVDDFNELERFPADVHVIGKDILKFHAIYWPAFLLSAGLPLPKKIVAHGWWTKD
RKKISKSLGNVFDPVEKAEEFGYDALKYFLLRESGFSDDGDYSDKNMIARLNGELADTLGNLVMRCTSAKINVNGEWPSP
AAYTEEDESLIQLIKDLPGTADHYYLIPDIQKAIIAVFDVLRAINAYVTDMAPWKLVKTDPERLRTVLYITLEGVRVTTL
LLSPILPRKSVVIFDMLGVPEVHRKGIENFEFGAVPPGTRLGPAVEGEVLFSKRSTENTKST
;
_entity_poly.pdbx_strand_id   A,B
#
loop_
_chem_comp.id
_chem_comp.type
_chem_comp.name
_chem_comp.formula
96S non-polymer 1-[(5-chloro-1H-imidazo[4,5-b]pyridin-2-yl)methyl]-4-[(2-chloro-4-methoxyphenyl)methyl]-3-ethyl-1,3-dihydro-2H-imidazol-2-one 'C20 H19 Cl2 N5 O2'
GOL non-polymer GLYCEROL 'C3 H8 O3'
#
# COMPACT_ATOMS: atom_id res chain seq x y z
N VAL A 7 14.81 27.90 8.76
CA VAL A 7 14.45 29.16 8.04
C VAL A 7 13.05 29.05 7.39
N GLU A 8 12.25 30.13 7.52
CA GLU A 8 11.08 30.38 6.66
C GLU A 8 11.60 31.21 5.48
N LYS A 9 11.68 30.57 4.31
CA LYS A 9 12.04 31.20 3.05
C LYS A 9 11.02 30.96 1.94
N VAL A 10 11.27 31.54 0.76
CA VAL A 10 10.46 31.23 -0.43
C VAL A 10 10.99 29.93 -1.02
N PHE A 11 10.10 28.96 -1.28
CA PHE A 11 10.52 27.68 -1.83
C PHE A 11 10.88 27.93 -3.28
N PHE A 12 12.15 27.70 -3.61
CA PHE A 12 12.73 28.10 -4.90
C PHE A 12 13.02 26.83 -5.72
N VAL A 13 12.29 26.66 -6.81
CA VAL A 13 12.38 25.47 -7.66
C VAL A 13 12.65 25.88 -9.12
N THR A 14 13.58 25.18 -9.79
CA THR A 14 14.09 25.61 -11.11
C THR A 14 14.03 24.47 -12.08
N SER A 15 13.89 24.83 -13.35
CA SER A 15 14.16 23.92 -14.46
C SER A 15 15.54 24.30 -14.99
N PRO A 16 16.10 23.50 -15.91
CA PRO A 16 17.26 24.01 -16.59
C PRO A 16 16.78 25.01 -17.61
N ILE A 17 17.66 25.89 -18.03
CA ILE A 17 17.39 26.84 -19.12
C ILE A 17 17.84 26.19 -20.42
N TYR A 18 16.98 26.21 -21.43
CA TYR A 18 17.15 25.33 -22.60
C TYR A 18 17.84 26.03 -23.76
N TYR A 19 18.77 25.34 -24.41
CA TYR A 19 19.45 25.90 -25.56
C TYR A 19 18.44 26.19 -26.66
N VAL A 20 18.59 27.36 -27.25
CA VAL A 20 17.66 27.83 -28.30
C VAL A 20 18.11 27.51 -29.72
N ASN A 21 18.95 26.49 -29.89
CA ASN A 21 19.31 26.06 -31.24
C ASN A 21 18.18 25.40 -32.02
N ALA A 22 17.13 25.01 -31.33
CA ALA A 22 16.08 24.22 -31.91
C ALA A 22 14.81 24.50 -31.17
N ALA A 23 13.75 24.07 -31.79
CA ALA A 23 12.40 24.31 -31.31
C ALA A 23 12.15 23.55 -30.01
N PRO A 24 11.19 24.03 -29.18
CA PRO A 24 10.80 23.25 -28.02
C PRO A 24 10.30 21.86 -28.43
N HIS A 25 10.53 20.89 -27.55
CA HIS A 25 10.18 19.52 -27.79
C HIS A 25 9.85 18.86 -26.43
N ILE A 26 9.53 17.58 -26.47
CA ILE A 26 9.11 16.88 -25.26
C ILE A 26 10.10 16.95 -24.06
N GLY A 27 11.38 16.73 -24.30
CA GLY A 27 12.41 16.93 -23.31
C GLY A 27 12.26 18.18 -22.45
N HIS A 28 12.13 19.31 -23.11
CA HIS A 28 12.04 20.60 -22.40
C HIS A 28 10.73 20.66 -21.62
N VAL A 29 9.68 20.23 -22.29
CA VAL A 29 8.35 20.16 -21.71
C VAL A 29 8.33 19.28 -20.47
N TYR A 30 9.02 18.14 -20.54
CA TYR A 30 9.07 17.22 -19.43
C TYR A 30 9.76 17.85 -18.24
N SER A 31 10.96 18.36 -18.44
CA SER A 31 11.72 18.99 -17.36
C SER A 31 10.96 20.10 -16.66
N THR A 32 10.33 20.98 -17.45
CA THR A 32 9.58 22.11 -16.90
C THR A 32 8.30 21.63 -16.19
N LEU A 33 7.70 20.54 -16.68
CA LEU A 33 6.54 19.92 -16.01
C LEU A 33 6.88 19.49 -14.58
N ILE A 34 8.01 18.84 -14.41
CA ILE A 34 8.49 18.43 -13.10
C ILE A 34 8.70 19.65 -12.20
N THR A 35 9.32 20.68 -12.76
CA THR A 35 9.52 21.93 -12.03
C THR A 35 8.17 22.51 -11.59
N ASP A 36 7.23 22.56 -12.53
CA ASP A 36 5.89 23.10 -12.29
C ASP A 36 5.14 22.32 -11.19
N VAL A 37 5.20 21.00 -11.28
CA VAL A 37 4.50 20.12 -10.32
C VAL A 37 5.03 20.31 -8.89
N ILE A 38 6.35 20.25 -8.72
CA ILE A 38 6.96 20.51 -7.42
C ILE A 38 6.50 21.89 -6.90
N GLY A 39 6.60 22.91 -7.74
CA GLY A 39 6.15 24.24 -7.37
C GLY A 39 4.70 24.24 -6.90
N ARG A 40 3.84 23.60 -7.70
CA ARG A 40 2.42 23.50 -7.39
C ARG A 40 2.18 22.79 -6.06
N TYR A 41 2.86 21.66 -5.81
CA TYR A 41 2.67 20.93 -4.56
C TYR A 41 2.94 21.86 -3.37
N HIS A 42 4.05 22.59 -3.39
CA HIS A 42 4.38 23.48 -2.27
C HIS A 42 3.42 24.67 -2.11
N ARG A 43 2.86 25.13 -3.23
CA ARG A 43 1.80 26.14 -3.18
C ARG A 43 0.53 25.58 -2.49
N VAL A 44 0.12 24.36 -2.87
CA VAL A 44 -1.03 23.65 -2.24
C VAL A 44 -0.79 23.46 -0.74
N LYS A 45 0.45 23.17 -0.39
CA LYS A 45 0.85 23.04 1.01
C LYS A 45 0.71 24.36 1.77
N GLY A 46 0.72 25.49 1.06
CA GLY A 46 0.53 26.82 1.64
C GLY A 46 1.81 27.65 1.79
N GLU A 47 2.88 27.21 1.12
CA GLU A 47 4.18 27.87 1.17
C GLU A 47 4.30 28.92 0.08
N ARG A 48 5.21 29.88 0.27
CA ARG A 48 5.61 30.80 -0.79
C ARG A 48 6.51 30.08 -1.79
N VAL A 49 6.27 30.31 -3.07
CA VAL A 49 6.94 29.58 -4.13
C VAL A 49 7.42 30.53 -5.23
N PHE A 50 8.65 30.30 -5.68
CA PHE A 50 9.19 30.90 -6.90
C PHE A 50 9.71 29.80 -7.81
N ALA A 51 9.01 29.55 -8.90
CA ALA A 51 9.43 28.59 -9.91
C ALA A 51 10.05 29.31 -11.10
N LEU A 52 11.19 28.83 -11.58
CA LEU A 52 11.96 29.49 -12.63
C LEU A 52 12.17 28.55 -13.80
N THR A 53 11.97 29.04 -15.02
CA THR A 53 12.39 28.34 -16.24
C THR A 53 12.98 29.38 -17.23
N GLY A 54 13.42 28.96 -18.41
CA GLY A 54 13.99 29.90 -19.36
C GLY A 54 14.86 29.34 -20.48
N THR A 55 15.61 30.23 -21.12
CA THR A 55 16.38 29.91 -22.30
C THR A 55 17.85 30.33 -22.16
N ASP A 56 18.71 29.50 -22.76
CA ASP A 56 20.16 29.63 -22.74
C ASP A 56 20.54 29.99 -24.18
N GLU A 57 20.92 31.25 -24.38
CA GLU A 57 20.94 31.84 -25.71
C GLU A 57 22.33 32.16 -26.27
N HIS A 58 23.37 32.24 -25.44
CA HIS A 58 24.71 32.49 -25.94
C HIS A 58 25.42 31.22 -26.38
N GLY A 59 26.62 31.39 -26.93
CA GLY A 59 27.50 30.28 -27.21
C GLY A 59 27.59 29.82 -28.65
N GLN A 60 28.63 29.02 -28.89
CA GLN A 60 29.04 28.58 -30.22
C GLN A 60 27.89 27.84 -30.90
N LYS A 61 27.25 26.94 -30.16
CA LYS A 61 26.15 26.13 -30.68
C LYS A 61 24.98 26.95 -31.19
N VAL A 62 24.57 27.95 -30.43
CA VAL A 62 23.42 28.76 -30.83
C VAL A 62 23.75 29.63 -32.03
N ALA A 63 24.92 30.26 -32.00
CA ALA A 63 25.38 31.12 -33.11
C ALA A 63 25.49 30.33 -34.41
N GLU A 64 25.98 29.09 -34.32
CA GLU A 64 26.06 28.21 -35.50
C GLU A 64 24.71 27.74 -36.03
N ALA A 65 23.75 27.52 -35.15
CA ALA A 65 22.36 27.26 -35.56
C ALA A 65 21.72 28.48 -36.24
N ALA A 66 22.06 29.69 -35.79
CA ALA A 66 21.60 30.94 -36.42
C ALA A 66 22.30 31.17 -37.76
N LYS A 67 23.58 30.83 -37.88
CA LYS A 67 24.31 30.93 -39.14
C LYS A 67 23.72 29.97 -40.20
N GLN A 68 23.43 28.73 -39.81
CA GLN A 68 22.74 27.76 -40.67
C GLN A 68 21.46 28.34 -41.26
N LYS A 69 20.67 29.03 -40.45
CA LYS A 69 19.41 29.61 -40.91
C LYS A 69 19.55 30.99 -41.58
N GLN A 70 20.79 31.51 -41.65
CA GLN A 70 21.07 32.80 -42.29
C GLN A 70 20.29 33.97 -41.67
N VAL A 71 20.27 34.00 -40.34
CA VAL A 71 19.69 35.09 -39.55
C VAL A 71 20.69 35.48 -38.47
N SER A 72 20.58 36.71 -37.95
CA SER A 72 21.50 37.18 -36.92
C SER A 72 21.14 36.49 -35.60
N PRO A 73 22.17 36.17 -34.78
CA PRO A 73 21.94 35.53 -33.48
C PRO A 73 20.88 36.23 -32.60
N TYR A 74 20.79 37.56 -32.65
CA TYR A 74 19.80 38.29 -31.86
C TYR A 74 18.38 37.98 -32.31
N ASP A 75 18.18 37.98 -33.64
CA ASP A 75 16.84 37.72 -34.20
C ASP A 75 16.41 36.28 -33.94
N PHE A 76 17.36 35.37 -34.14
CA PHE A 76 17.15 33.94 -33.96
C PHE A 76 16.76 33.57 -32.52
N THR A 77 17.56 34.02 -31.55
CA THR A 77 17.30 33.74 -30.14
C THR A 77 15.98 34.34 -29.67
N THR A 78 15.68 35.57 -30.10
CA THR A 78 14.41 36.20 -29.71
C THR A 78 13.22 35.41 -30.24
N ALA A 79 13.33 34.95 -31.50
CA ALA A 79 12.30 34.16 -32.14
C ALA A 79 12.09 32.83 -31.40
N VAL A 80 13.17 32.07 -31.20
CA VAL A 80 13.07 30.75 -30.59
C VAL A 80 12.60 30.87 -29.15
N ALA A 81 13.10 31.86 -28.40
CA ALA A 81 12.59 32.14 -27.04
C ALA A 81 11.07 32.26 -27.03
N GLY A 82 10.53 33.01 -27.98
CA GLY A 82 9.08 33.17 -28.13
C GLY A 82 8.35 31.87 -28.35
N GLU A 83 8.96 30.96 -29.11
CA GLU A 83 8.42 29.62 -29.30
C GLU A 83 8.39 28.82 -27.99
N PHE A 84 9.44 28.93 -27.17
CA PHE A 84 9.46 28.33 -25.83
C PHE A 84 8.41 28.93 -24.92
N LYS A 85 8.29 30.25 -24.93
CA LYS A 85 7.25 30.93 -24.16
C LYS A 85 5.85 30.52 -24.56
N LYS A 86 5.60 30.44 -25.87
CA LYS A 86 4.28 30.05 -26.36
C LYS A 86 3.99 28.60 -25.98
N CYS A 87 5.01 27.74 -26.07
CA CYS A 87 4.87 26.34 -25.68
C CYS A 87 4.45 26.20 -24.21
N PHE A 88 5.16 26.89 -23.32
CA PHE A 88 4.88 26.80 -21.89
C PHE A 88 3.57 27.48 -21.47
N GLU A 89 3.11 28.47 -22.22
CA GLU A 89 1.76 29.01 -22.02
C GLU A 89 0.73 27.96 -22.40
N GLN A 90 0.96 27.30 -23.52
CA GLN A 90 0.03 26.33 -24.03
C GLN A 90 -0.11 25.11 -23.13
N MET A 91 1.02 24.68 -22.57
CA MET A 91 1.06 23.53 -21.66
C MET A 91 0.46 23.80 -20.28
N ASP A 92 0.13 25.05 -19.99
CA ASP A 92 -0.66 25.42 -18.81
C ASP A 92 0.12 25.21 -17.51
N TYR A 93 1.37 25.62 -17.56
CA TYR A 93 2.23 25.60 -16.38
C TYR A 93 1.86 26.76 -15.47
N SER A 94 2.55 26.90 -14.38
CA SER A 94 2.38 28.02 -13.48
C SER A 94 3.77 28.44 -13.01
N ILE A 95 4.61 28.82 -13.97
CA ILE A 95 5.97 29.24 -13.70
C ILE A 95 5.93 30.72 -13.35
N ASP A 96 6.65 31.10 -12.32
CA ASP A 96 6.63 32.49 -11.87
C ASP A 96 7.45 33.42 -12.75
N TYR A 97 8.53 32.94 -13.33
CA TYR A 97 9.32 33.76 -14.26
C TYR A 97 10.04 32.95 -15.34
N PHE A 98 10.17 33.55 -16.52
CA PHE A 98 10.90 33.01 -17.66
C PHE A 98 12.14 33.90 -17.88
N ILE A 99 13.33 33.35 -17.72
CA ILE A 99 14.56 34.12 -17.80
C ILE A 99 15.25 33.82 -19.15
N ARG A 100 15.99 34.81 -19.66
CA ARG A 100 16.80 34.68 -20.87
C ARG A 100 18.20 35.16 -20.52
N THR A 101 19.20 34.46 -21.00
CA THR A 101 20.57 34.84 -20.69
C THR A 101 21.03 36.08 -21.46
N THR A 102 20.32 36.45 -22.53
CA THR A 102 20.53 37.74 -23.21
C THR A 102 20.09 38.97 -22.37
N ASN A 103 19.27 38.76 -21.36
CA ASN A 103 18.81 39.81 -20.47
C ASN A 103 19.99 40.57 -19.83
N GLU A 104 19.83 41.89 -19.76
CA GLU A 104 20.91 42.77 -19.34
C GLU A 104 21.20 42.57 -17.86
N GLN A 105 20.15 42.34 -17.07
CA GLN A 105 20.29 42.12 -15.62
C GLN A 105 21.04 40.81 -15.34
N HIS A 106 20.74 39.77 -16.11
CA HIS A 106 21.53 38.53 -16.03
C HIS A 106 23.02 38.74 -16.28
N LYS A 107 23.35 39.48 -17.33
CA LYS A 107 24.75 39.75 -17.67
C LYS A 107 25.48 40.50 -16.56
N ALA A 108 24.75 41.39 -15.88
CA ALA A 108 25.28 42.13 -14.74
C ALA A 108 25.72 41.18 -13.64
N VAL A 109 24.85 40.20 -13.37
CA VAL A 109 25.09 39.21 -12.31
C VAL A 109 26.27 38.31 -12.72
N VAL A 110 26.33 37.91 -13.99
CA VAL A 110 27.46 37.12 -14.47
C VAL A 110 28.80 37.85 -14.23
N LYS A 111 28.86 39.14 -14.58
CA LYS A 111 30.07 39.95 -14.33
C LYS A 111 30.40 40.08 -12.85
N GLU A 112 29.39 40.32 -12.00
CA GLU A 112 29.59 40.39 -10.54
C GLU A 112 30.23 39.12 -10.03
N LEU A 113 29.63 37.99 -10.41
CA LEU A 113 30.10 36.66 -9.98
C LEU A 113 31.49 36.37 -10.52
N TRP A 114 31.70 36.63 -11.80
CA TRP A 114 33.02 36.46 -12.38
C TRP A 114 34.07 37.20 -11.55
N THR A 115 33.79 38.48 -11.32
CA THR A 115 34.69 39.36 -10.58
C THR A 115 34.97 38.82 -9.19
N LYS A 116 33.93 38.32 -8.53
CA LYS A 116 34.10 37.73 -7.19
C LYS A 116 35.07 36.55 -7.23
N LEU A 117 34.85 35.63 -8.16
CA LEU A 117 35.73 34.46 -8.31
C LEU A 117 37.20 34.88 -8.59
N GLU A 118 37.36 35.92 -9.41
CA GLU A 118 38.68 36.46 -9.75
C GLU A 118 39.37 37.02 -8.49
N GLN A 119 38.64 37.83 -7.72
CA GLN A 119 39.15 38.42 -6.48
C GLN A 119 39.58 37.40 -5.41
N LYS A 120 38.91 36.24 -5.39
CA LYS A 120 39.28 35.15 -4.48
C LYS A 120 40.48 34.32 -4.95
N GLY A 121 41.10 34.70 -6.08
CA GLY A 121 42.21 33.93 -6.68
C GLY A 121 41.81 32.58 -7.27
N ASP A 122 40.52 32.41 -7.57
CA ASP A 122 40.00 31.13 -8.06
C ASP A 122 39.92 31.08 -9.59
N ILE A 123 40.11 32.24 -10.25
CA ILE A 123 40.35 32.29 -11.71
C ILE A 123 41.78 32.81 -12.10
N TYR A 124 42.52 32.02 -12.89
CA TYR A 124 43.87 32.33 -13.46
C TYR A 124 43.89 32.16 -14.99
N LEU A 125 44.92 32.71 -15.64
CA LEU A 125 45.06 32.65 -17.09
C LEU A 125 45.90 31.43 -17.42
N GLY A 126 45.39 30.60 -18.34
CA GLY A 126 45.94 29.28 -18.63
C GLY A 126 45.69 28.85 -20.08
N ARG A 127 46.01 27.61 -20.42
CA ARG A 127 45.56 26.95 -21.68
C ARG A 127 44.64 25.76 -21.42
N TYR A 128 43.67 25.58 -22.30
CA TYR A 128 43.03 24.31 -22.44
C TYR A 128 43.45 23.75 -23.79
N GLU A 129 43.98 22.53 -23.76
CA GLU A 129 44.29 21.71 -24.94
C GLU A 129 43.60 20.39 -24.76
N GLY A 130 42.49 20.18 -25.46
CA GLY A 130 41.77 18.93 -25.30
C GLY A 130 40.53 18.83 -26.15
N TRP A 131 39.71 17.83 -25.89
CA TRP A 131 38.51 17.63 -26.69
C TRP A 131 37.36 18.48 -26.16
N TYR A 132 36.40 18.76 -27.05
CA TYR A 132 35.25 19.59 -26.71
C TYR A 132 34.09 19.24 -27.61
N SER A 133 32.92 19.02 -27.01
CA SER A 133 31.69 18.84 -27.76
C SER A 133 30.97 20.18 -27.79
N ILE A 134 30.83 20.74 -28.99
CA ILE A 134 30.12 22.01 -29.16
C ILE A 134 28.63 21.83 -28.88
N SER A 135 28.09 20.65 -29.21
CA SER A 135 26.68 20.35 -28.99
C SER A 135 26.31 20.25 -27.50
N ASP A 136 27.21 19.72 -26.69
CA ASP A 136 27.00 19.66 -25.23
C ASP A 136 27.62 20.84 -24.49
N GLU A 137 28.41 21.65 -25.19
CA GLU A 137 29.19 22.76 -24.63
C GLU A 137 30.04 22.30 -23.45
N SER A 138 30.62 21.10 -23.62
CA SER A 138 31.25 20.35 -22.57
C SER A 138 32.71 20.04 -22.93
N PHE A 139 33.62 20.23 -21.98
CA PHE A 139 35.00 19.75 -22.10
C PHE A 139 35.04 18.24 -21.80
N LEU A 140 35.79 17.48 -22.60
CA LEU A 140 35.90 16.03 -22.40
C LEU A 140 37.37 15.61 -22.38
N THR A 141 37.71 14.68 -21.50
CA THR A 141 39.03 14.03 -21.47
C THR A 141 39.06 12.91 -22.53
N PRO A 142 40.26 12.41 -22.91
CA PRO A 142 40.31 11.43 -24.02
C PRO A 142 39.52 10.12 -23.75
N GLN A 143 39.44 9.72 -22.48
CA GLN A 143 38.69 8.53 -22.08
C GLN A 143 37.16 8.63 -22.30
N ASN A 144 36.61 9.84 -22.42
CA ASN A 144 35.19 10.02 -22.79
C ASN A 144 34.96 10.23 -24.29
N ILE A 145 35.88 9.75 -25.13
CA ILE A 145 35.69 9.81 -26.59
C ILE A 145 35.95 8.47 -27.28
N THR A 146 35.39 8.34 -28.48
CA THR A 146 35.52 7.12 -29.27
C THR A 146 35.27 7.46 -30.74
N ASP A 147 35.36 6.48 -31.63
CA ASP A 147 35.20 6.72 -33.07
C ASP A 147 33.73 6.70 -33.50
N GLY A 148 33.41 7.38 -34.60
CA GLY A 148 32.05 7.45 -35.11
C GLY A 148 31.91 8.20 -36.42
N VAL A 149 30.69 8.67 -36.70
CA VAL A 149 30.37 9.41 -37.95
C VAL A 149 29.59 10.70 -37.67
N ASP A 150 29.55 11.57 -38.67
CA ASP A 150 28.86 12.88 -38.56
C ASP A 150 27.53 12.91 -39.34
N LYS A 151 26.91 14.09 -39.51
CA LYS A 151 25.70 14.24 -40.33
C LYS A 151 25.86 13.79 -41.80
N ASP A 152 27.09 13.77 -42.32
CA ASP A 152 27.42 13.22 -43.68
C ASP A 152 27.83 11.75 -43.69
N GLY A 153 28.75 11.39 -42.80
CA GLY A 153 29.27 10.02 -42.71
C GLY A 153 30.78 9.81 -42.79
N ASN A 154 31.56 10.88 -42.66
CA ASN A 154 33.04 10.80 -42.73
C ASN A 154 33.59 10.25 -41.39
N PRO A 155 34.89 9.85 -41.32
CA PRO A 155 35.39 9.29 -40.05
C PRO A 155 35.82 10.37 -39.05
N CYS A 156 35.15 10.44 -37.90
CA CYS A 156 35.47 11.45 -36.88
C CYS A 156 35.40 10.88 -35.47
N LYS A 157 35.75 11.71 -34.49
CA LYS A 157 35.64 11.36 -33.07
C LYS A 157 34.32 11.91 -32.49
N VAL A 158 33.80 11.20 -31.49
CA VAL A 158 32.52 11.52 -30.85
C VAL A 158 32.55 11.33 -29.33
N SER A 159 31.57 11.94 -28.67
CA SER A 159 31.42 11.88 -27.22
C SER A 159 30.84 10.53 -26.78
N LEU A 160 31.43 9.93 -25.73
CA LEU A 160 30.82 8.77 -25.07
C LEU A 160 29.55 9.16 -24.33
N GLU A 161 29.50 10.38 -23.77
CA GLU A 161 28.31 10.93 -23.09
C GLU A 161 27.13 10.89 -24.08
N SER A 162 27.31 11.50 -25.25
CA SER A 162 26.18 11.85 -26.12
C SER A 162 26.24 11.45 -27.59
N GLY A 163 27.35 10.91 -28.05
CA GLY A 163 27.54 10.59 -29.47
C GLY A 163 27.60 11.75 -30.44
N HIS A 164 27.72 12.98 -29.94
CA HIS A 164 27.88 14.17 -30.80
C HIS A 164 29.34 14.31 -31.20
N VAL A 165 29.58 15.08 -32.25
CA VAL A 165 30.92 15.22 -32.76
C VAL A 165 31.76 16.10 -31.82
N VAL A 166 32.99 15.65 -31.55
CA VAL A 166 33.96 16.43 -30.79
C VAL A 166 35.04 17.02 -31.71
N THR A 167 35.79 17.98 -31.18
CA THR A 167 36.88 18.62 -31.89
C THR A 167 37.95 19.01 -30.90
N TRP A 168 39.19 18.99 -31.38
CA TRP A 168 40.33 19.46 -30.59
C TRP A 168 40.28 20.99 -30.51
N VAL A 169 40.61 21.52 -29.34
CA VAL A 169 40.69 22.94 -29.07
C VAL A 169 42.01 23.22 -28.40
N SER A 170 42.72 24.25 -28.87
CA SER A 170 43.95 24.72 -28.20
C SER A 170 43.87 26.23 -28.09
N GLU A 171 43.50 26.70 -26.89
CA GLU A 171 43.36 28.13 -26.62
C GLU A 171 43.94 28.55 -25.30
N GLU A 172 44.48 29.76 -25.27
CA GLU A 172 44.71 30.48 -24.01
C GLU A 172 43.31 30.82 -23.43
N ASN A 173 43.03 30.32 -22.23
CA ASN A 173 41.72 30.49 -21.59
C ASN A 173 41.89 30.90 -20.12
N TYR A 174 40.92 31.64 -19.61
CA TYR A 174 40.76 31.82 -18.15
C TYR A 174 40.33 30.50 -17.57
N MET A 175 41.02 30.06 -16.52
CA MET A 175 40.78 28.77 -15.89
C MET A 175 40.26 28.98 -14.47
N PHE A 176 39.25 28.20 -14.09
CA PHE A 176 38.75 28.16 -12.72
C PHE A 176 39.43 27.02 -12.01
N ARG A 177 39.83 27.24 -10.75
CA ARG A 177 40.60 26.25 -9.98
C ARG A 177 39.72 25.18 -9.35
N LEU A 178 39.02 24.41 -10.18
CA LEU A 178 38.10 23.38 -9.72
C LEU A 178 38.80 22.31 -8.87
N SER A 179 40.05 21.98 -9.22
CA SER A 179 40.84 21.00 -8.49
C SER A 179 40.96 21.28 -6.99
N ALA A 180 40.99 22.57 -6.63
CA ALA A 180 41.06 22.98 -5.22
C ALA A 180 39.76 22.78 -4.43
N PHE A 181 38.68 22.34 -5.08
CA PHE A 181 37.37 22.15 -4.44
C PHE A 181 36.95 20.68 -4.26
N ARG A 182 37.80 19.75 -4.66
CA ARG A 182 37.52 18.31 -4.50
C ARG A 182 37.18 17.89 -3.07
N GLU A 183 38.00 18.26 -2.09
CA GLU A 183 37.71 17.88 -0.71
C GLU A 183 36.41 18.50 -0.22
N ARG A 184 36.22 19.79 -0.47
CA ARG A 184 35.02 20.47 0.01
C ARG A 184 33.74 19.92 -0.64
N LEU A 185 33.83 19.49 -1.90
CA LEU A 185 32.69 18.89 -2.62
C LEU A 185 32.34 17.54 -2.02
N LEU A 186 33.37 16.72 -1.81
CA LEU A 186 33.17 15.45 -1.14
C LEU A 186 32.59 15.59 0.30
N GLU A 187 33.06 16.57 1.08
CA GLU A 187 32.44 16.85 2.39
C GLU A 187 30.97 17.17 2.21
N TRP A 188 30.67 18.00 1.22
CA TRP A 188 29.29 18.40 0.95
C TRP A 188 28.39 17.19 0.61
N TYR A 189 28.87 16.29 -0.27
CA TYR A 189 28.09 15.10 -0.65
C TYR A 189 27.81 14.15 0.54
N HIS A 190 28.81 13.93 1.38
CA HIS A 190 28.69 13.04 2.53
CA HIS A 190 28.72 13.07 2.57
C HIS A 190 27.84 13.67 3.65
N ALA A 191 28.02 14.95 3.91
CA ALA A 191 27.22 15.66 4.93
C ALA A 191 25.75 15.74 4.60
N ASN A 192 25.39 15.73 3.31
CA ASN A 192 24.00 15.95 2.88
C ASN A 192 23.61 14.86 1.90
N PRO A 193 23.42 13.64 2.41
CA PRO A 193 23.27 12.46 1.55
C PRO A 193 21.99 12.40 0.70
N GLY A 194 21.06 13.32 0.90
CA GLY A 194 19.94 13.49 -0.03
C GLY A 194 20.05 14.70 -0.97
N CYS A 195 21.24 15.28 -1.12
CA CYS A 195 21.40 16.46 -1.94
C CYS A 195 21.37 16.14 -3.42
N ILE A 196 21.69 14.91 -3.82
CA ILE A 196 21.52 14.48 -5.21
C ILE A 196 20.59 13.28 -5.29
N VAL A 197 19.54 13.41 -6.09
CA VAL A 197 18.56 12.37 -6.27
C VAL A 197 18.46 12.02 -7.76
N PRO A 198 18.29 10.74 -8.12
CA PRO A 198 18.25 9.61 -7.20
C PRO A 198 19.64 9.19 -6.73
N GLU A 199 19.64 8.32 -5.73
CA GLU A 199 20.83 7.93 -5.01
C GLU A 199 21.94 7.33 -5.89
N PHE A 200 21.58 6.59 -6.94
CA PHE A 200 22.63 6.02 -7.81
C PHE A 200 23.38 7.08 -8.64
N ARG A 201 22.73 8.20 -8.92
CA ARG A 201 23.38 9.34 -9.56
C ARG A 201 24.23 10.10 -8.57
N ARG A 202 23.83 10.13 -7.31
CA ARG A 202 24.68 10.66 -6.25
C ARG A 202 25.97 9.86 -6.15
N ARG A 203 25.87 8.54 -6.23
CA ARG A 203 27.04 7.66 -6.21
C ARG A 203 27.94 7.90 -7.43
N GLU A 204 27.35 8.06 -8.62
CA GLU A 204 28.11 8.44 -9.83
C GLU A 204 28.93 9.71 -9.63
N VAL A 205 28.30 10.75 -9.10
CA VAL A 205 28.97 12.03 -8.89
C VAL A 205 30.14 11.85 -7.94
N ILE A 206 29.92 11.17 -6.82
CA ILE A 206 30.95 11.03 -5.80
C ILE A 206 32.14 10.25 -6.34
N ARG A 207 31.89 9.19 -7.11
CA ARG A 207 32.97 8.40 -7.72
C ARG A 207 33.85 9.30 -8.56
N ALA A 208 33.22 10.07 -9.46
CA ALA A 208 33.91 10.96 -10.39
C ALA A 208 34.81 11.95 -9.68
N VAL A 209 34.28 12.58 -8.61
CA VAL A 209 35.03 13.58 -7.86
C VAL A 209 36.14 12.92 -7.07
N GLU A 210 35.91 11.70 -6.59
CA GLU A 210 36.96 10.91 -5.93
C GLU A 210 38.13 10.63 -6.87
N LYS A 211 37.85 10.30 -8.13
CA LYS A 211 38.93 10.05 -9.11
C LYS A 211 39.91 11.22 -9.27
N GLY A 212 39.42 12.45 -9.13
CA GLY A 212 40.24 13.67 -9.21
C GLY A 212 39.57 14.69 -10.13
N LEU A 213 39.88 15.97 -9.91
CA LEU A 213 39.25 17.07 -10.67
C LEU A 213 40.28 17.95 -11.38
N PRO A 214 40.16 18.06 -12.72
CA PRO A 214 40.95 19.05 -13.43
C PRO A 214 40.39 20.46 -13.23
N ASP A 215 41.23 21.47 -13.42
CA ASP A 215 40.75 22.85 -13.51
C ASP A 215 39.87 22.98 -14.75
N LEU A 216 38.95 23.93 -14.69
CA LEU A 216 37.93 24.08 -15.69
C LEU A 216 38.13 25.38 -16.43
N SER A 217 38.13 25.27 -17.75
CA SER A 217 38.18 26.41 -18.63
C SER A 217 36.87 27.21 -18.62
N VAL A 218 36.91 28.45 -18.16
CA VAL A 218 35.71 29.28 -18.04
C VAL A 218 35.63 30.47 -18.97
N SER A 219 36.62 30.63 -19.85
CA SER A 219 36.53 31.58 -20.95
C SER A 219 36.93 30.92 -22.26
N ARG A 220 36.47 31.52 -23.34
CA ARG A 220 36.92 31.16 -24.66
C ARG A 220 37.29 32.44 -25.38
N ALA A 221 38.16 32.31 -26.38
CA ALA A 221 38.50 33.41 -27.29
C ALA A 221 37.27 33.84 -28.10
N ARG A 222 37.06 35.15 -28.19
CA ARG A 222 35.81 35.70 -28.77
C ARG A 222 35.56 35.29 -30.22
N ALA A 223 36.64 35.10 -30.97
CA ALA A 223 36.52 34.61 -32.34
C ALA A 223 35.79 33.26 -32.42
N THR A 224 36.17 32.32 -31.56
CA THR A 224 35.58 30.96 -31.57
C THR A 224 34.08 30.93 -31.31
N LEU A 225 33.60 31.90 -30.53
CA LEU A 225 32.17 31.96 -30.19
C LEU A 225 31.35 32.82 -31.15
N HIS A 226 31.94 33.25 -32.26
CA HIS A 226 31.28 34.15 -33.22
C HIS A 226 30.79 35.41 -32.49
N ASN A 227 31.56 35.84 -31.49
CA ASN A 227 31.24 36.98 -30.63
C ASN A 227 29.87 36.96 -29.96
N TRP A 228 29.29 35.78 -29.74
CA TRP A 228 27.92 35.68 -29.26
C TRP A 228 27.96 35.11 -27.83
N ALA A 229 28.26 36.01 -26.90
CA ALA A 229 28.62 35.65 -25.52
C ALA A 229 28.88 36.90 -24.67
N ILE A 230 28.97 36.69 -23.37
CA ILE A 230 29.22 37.78 -22.45
C ILE A 230 30.75 38.04 -22.37
N PRO A 231 31.20 39.29 -22.56
CA PRO A 231 32.63 39.54 -22.44
C PRO A 231 33.13 39.36 -21.03
N VAL A 232 34.35 38.88 -20.89
CA VAL A 232 35.02 38.83 -19.60
C VAL A 232 35.27 40.25 -19.09
N PRO A 233 34.94 40.53 -17.82
CA PRO A 233 35.28 41.83 -17.18
C PRO A 233 36.77 42.21 -17.27
N GLY A 234 37.04 43.36 -17.87
CA GLY A 234 38.40 43.83 -18.06
C GLY A 234 39.25 43.07 -19.06
N ASN A 235 38.64 42.26 -19.93
CA ASN A 235 39.38 41.60 -21.00
C ASN A 235 38.46 41.23 -22.16
N PRO A 236 38.20 42.20 -23.05
CA PRO A 236 37.22 41.99 -24.13
C PRO A 236 37.63 41.01 -25.25
N ASP A 237 38.87 40.52 -25.27
CA ASP A 237 39.27 39.43 -26.19
C ASP A 237 38.72 38.06 -25.81
N HIS A 238 38.24 37.94 -24.56
CA HIS A 238 37.67 36.71 -24.07
C HIS A 238 36.19 36.88 -23.70
N CYS A 239 35.47 35.78 -23.89
CA CYS A 239 34.06 35.68 -23.59
C CYS A 239 33.88 34.63 -22.49
N VAL A 240 32.88 34.82 -21.63
CA VAL A 240 32.57 33.91 -20.53
C VAL A 240 31.95 32.61 -21.08
N TYR A 241 32.51 31.47 -20.65
CA TYR A 241 32.02 30.11 -20.93
C TYR A 241 30.53 30.05 -20.78
N VAL A 242 29.87 29.48 -21.79
CA VAL A 242 28.42 29.45 -21.82
C VAL A 242 27.79 28.78 -20.59
N TRP A 243 28.48 27.82 -19.96
CA TRP A 243 27.94 27.10 -18.81
C TRP A 243 28.01 27.89 -17.51
N LEU A 244 29.05 28.70 -17.33
CA LEU A 244 29.07 29.65 -16.20
C LEU A 244 28.01 30.74 -16.35
N ASP A 245 27.87 31.22 -17.57
CA ASP A 245 26.83 32.18 -17.92
C ASP A 245 25.47 31.49 -17.62
N ALA A 246 25.31 30.23 -18.03
CA ALA A 246 24.03 29.52 -17.90
C ALA A 246 23.69 29.20 -16.45
N LEU A 247 24.62 28.58 -15.73
CA LEU A 247 24.38 28.21 -14.36
C LEU A 247 23.99 29.43 -13.52
N THR A 248 24.56 30.58 -13.85
CA THR A 248 24.28 31.81 -13.11
C THR A 248 22.82 32.29 -13.20
N ASN A 249 22.04 31.77 -14.15
CA ASN A 249 20.62 32.15 -14.28
C ASN A 249 19.87 31.95 -12.98
N TYR A 250 20.24 30.92 -12.22
CA TYR A 250 19.58 30.58 -10.97
C TYR A 250 19.78 31.71 -9.96
N LEU A 251 21.00 32.25 -9.91
CA LEU A 251 21.33 33.39 -9.05
C LEU A 251 20.60 34.67 -9.48
N THR A 252 20.69 34.97 -10.78
CA THR A 252 19.95 36.10 -11.35
C THR A 252 18.46 36.03 -11.02
N GLY A 253 17.85 34.87 -11.26
CA GLY A 253 16.42 34.66 -10.99
C GLY A 253 16.04 34.92 -9.55
N SER A 254 16.92 34.52 -8.64
CA SER A 254 16.71 34.72 -7.23
C SER A 254 16.76 36.19 -6.80
N ARG A 255 17.21 37.08 -7.69
CA ARG A 255 17.38 38.51 -7.44
C ARG A 255 16.48 39.45 -8.26
N LEU A 256 15.63 38.90 -9.13
CA LEU A 256 14.70 39.72 -9.91
C LEU A 256 13.34 39.88 -9.21
N ARG A 257 12.95 41.11 -8.90
CA ARG A 257 11.54 41.44 -8.62
C ARG A 257 10.74 41.36 -9.92
N VAL A 258 9.54 40.79 -9.85
CA VAL A 258 8.75 40.50 -11.03
C VAL A 258 7.33 41.02 -10.83
N ASP A 259 6.75 41.67 -11.84
CA ASP A 259 5.39 42.23 -11.75
C ASP A 259 4.28 41.21 -12.00
N GLU A 260 3.02 41.62 -11.73
CA GLU A 260 1.81 40.78 -11.90
C GLU A 260 1.68 40.08 -13.29
N SER A 261 2.32 40.60 -14.34
CA SER A 261 2.31 39.95 -15.68
C SER A 261 3.63 39.24 -16.11
N GLY A 262 4.59 39.13 -15.19
CA GLY A 262 5.81 38.35 -15.44
C GLY A 262 7.01 39.04 -16.10
N LYS A 263 6.96 40.35 -16.32
CA LYS A 263 8.15 41.12 -16.76
C LYS A 263 9.03 41.43 -15.55
N GLU A 264 10.34 41.30 -15.70
CA GLU A 264 11.28 41.70 -14.63
C GLU A 264 11.28 43.21 -14.52
N VAL A 265 11.36 43.74 -13.30
CA VAL A 265 11.34 45.20 -13.13
C VAL A 265 12.51 45.78 -12.32
N SER A 266 13.29 44.94 -11.66
CA SER A 266 14.30 45.43 -10.75
C SER A 266 15.23 44.24 -10.38
N LEU A 267 16.53 44.52 -10.24
CA LEU A 267 17.47 43.51 -9.84
C LEU A 267 18.07 43.94 -8.51
N VAL A 268 17.74 43.24 -7.44
CA VAL A 268 18.25 43.60 -6.12
C VAL A 268 19.73 43.26 -5.96
N ASP A 269 20.42 44.02 -5.12
CA ASP A 269 21.85 43.83 -4.83
C ASP A 269 22.12 42.56 -4.04
N ASP A 270 21.34 42.37 -2.98
CA ASP A 270 21.52 41.26 -2.05
C ASP A 270 20.45 40.18 -2.30
N PHE A 271 20.86 38.96 -2.63
CA PHE A 271 19.91 37.84 -2.82
C PHE A 271 18.97 37.60 -1.62
N ASN A 272 19.47 37.80 -0.40
CA ASN A 272 18.66 37.66 0.82
C ASN A 272 17.39 38.52 0.86
N GLU A 273 17.36 39.63 0.12
CA GLU A 273 16.17 40.48 0.04
C GLU A 273 14.91 39.72 -0.39
N LEU A 274 15.01 38.84 -1.37
CA LEU A 274 13.83 38.07 -1.83
C LEU A 274 13.69 36.65 -1.23
N GLU A 275 14.62 36.24 -0.37
CA GLU A 275 14.54 34.98 0.37
C GLU A 275 14.36 33.72 -0.53
N ARG A 276 14.97 33.75 -1.72
CA ARG A 276 14.85 32.65 -2.68
C ARG A 276 16.10 31.80 -2.75
N PHE A 277 17.26 32.44 -2.90
CA PHE A 277 18.53 31.72 -3.04
C PHE A 277 18.91 31.08 -1.70
N PRO A 278 19.48 29.88 -1.68
CA PRO A 278 19.72 29.02 -2.84
C PRO A 278 18.49 28.17 -3.19
N ALA A 279 18.52 27.51 -4.33
CA ALA A 279 17.40 26.68 -4.77
C ALA A 279 17.15 25.56 -3.78
N ASP A 280 15.88 25.30 -3.53
CA ASP A 280 15.49 24.13 -2.77
C ASP A 280 15.55 22.88 -3.63
N VAL A 281 15.17 23.00 -4.91
CA VAL A 281 15.24 21.91 -5.87
C VAL A 281 15.69 22.45 -7.23
N HIS A 282 16.75 21.87 -7.79
CA HIS A 282 17.10 22.06 -9.19
C HIS A 282 16.65 20.82 -9.95
N VAL A 283 15.66 20.97 -10.83
CA VAL A 283 15.23 19.87 -11.70
C VAL A 283 16.11 19.86 -12.95
N ILE A 284 16.74 18.71 -13.24
CA ILE A 284 17.60 18.57 -14.43
C ILE A 284 17.46 17.23 -15.11
N GLY A 285 17.87 17.18 -16.37
CA GLY A 285 18.07 15.91 -17.06
C GLY A 285 19.38 15.29 -16.63
N LYS A 286 19.51 13.98 -16.85
CA LYS A 286 20.74 13.24 -16.48
C LYS A 286 21.99 13.70 -17.24
N ASP A 287 21.82 14.26 -18.43
CA ASP A 287 22.96 14.73 -19.23
C ASP A 287 23.69 15.98 -18.73
N ILE A 288 23.14 16.71 -17.75
CA ILE A 288 23.80 17.92 -17.26
C ILE A 288 24.12 17.83 -15.78
N LEU A 289 24.23 16.60 -15.30
CA LEU A 289 24.45 16.35 -13.89
C LEU A 289 25.76 16.96 -13.39
N LYS A 290 26.84 16.76 -14.15
CA LYS A 290 28.15 17.18 -13.67
C LYS A 290 28.24 18.69 -13.50
N PHE A 291 27.60 19.42 -14.42
CA PHE A 291 27.62 20.87 -14.39
C PHE A 291 26.92 21.41 -13.10
N HIS A 292 25.83 20.75 -12.70
CA HIS A 292 25.04 21.11 -11.52
C HIS A 292 25.56 20.59 -10.17
N ALA A 293 26.20 19.42 -10.17
CA ALA A 293 26.66 18.77 -8.93
C ALA A 293 28.14 18.97 -8.62
N ILE A 294 28.93 19.33 -9.63
CA ILE A 294 30.37 19.53 -9.49
C ILE A 294 30.70 21.01 -9.69
N TYR A 295 30.47 21.55 -10.90
CA TYR A 295 30.90 22.92 -11.22
C TYR A 295 30.16 23.98 -10.39
N TRP A 296 28.85 23.93 -10.50
CA TRP A 296 27.96 24.91 -9.86
C TRP A 296 28.26 25.07 -8.36
N PRO A 297 28.32 23.96 -7.59
CA PRO A 297 28.70 24.13 -6.17
C PRO A 297 30.13 24.65 -5.95
N ALA A 298 31.06 24.32 -6.85
CA ALA A 298 32.42 24.81 -6.73
C ALA A 298 32.47 26.34 -6.89
N PHE A 299 31.72 26.87 -7.86
CA PHE A 299 31.60 28.31 -8.03
C PHE A 299 31.02 28.96 -6.78
N LEU A 300 29.99 28.33 -6.22
CA LEU A 300 29.26 28.89 -5.08
C LEU A 300 30.15 28.86 -3.87
N LEU A 301 30.90 27.78 -3.69
CA LEU A 301 31.88 27.70 -2.58
C LEU A 301 32.94 28.78 -2.71
N SER A 302 33.45 28.96 -3.94
CA SER A 302 34.42 30.00 -4.23
C SER A 302 33.92 31.39 -3.87
N ALA A 303 32.69 31.68 -4.24
CA ALA A 303 32.11 33.00 -4.00
C ALA A 303 31.56 33.20 -2.58
N GLY A 304 31.65 32.19 -1.72
CA GLY A 304 30.98 32.22 -0.41
C GLY A 304 29.46 32.33 -0.44
N LEU A 305 28.82 31.74 -1.47
CA LEU A 305 27.38 31.70 -1.61
C LEU A 305 26.86 30.36 -1.11
N PRO A 306 25.59 30.33 -0.62
CA PRO A 306 25.02 29.04 -0.14
C PRO A 306 24.76 28.03 -1.24
N LEU A 307 24.82 26.75 -0.88
CA LEU A 307 24.63 25.68 -1.86
C LEU A 307 23.16 25.28 -1.96
N PRO A 308 22.75 24.79 -3.13
CA PRO A 308 21.39 24.30 -3.23
C PRO A 308 21.16 23.10 -2.32
N LYS A 309 19.90 22.86 -1.99
CA LYS A 309 19.53 21.77 -1.11
C LYS A 309 19.45 20.43 -1.84
N LYS A 310 18.79 20.40 -2.99
CA LYS A 310 18.57 19.18 -3.77
C LYS A 310 18.79 19.44 -5.27
N ILE A 311 19.41 18.46 -5.94
CA ILE A 311 19.45 18.38 -7.39
C ILE A 311 18.77 17.08 -7.76
N VAL A 312 17.68 17.15 -8.52
CA VAL A 312 16.99 15.96 -8.93
C VAL A 312 17.25 15.81 -10.41
N ALA A 313 17.77 14.64 -10.80
CA ALA A 313 18.14 14.37 -12.19
C ALA A 313 17.28 13.25 -12.72
N HIS A 314 16.42 13.57 -13.69
CA HIS A 314 15.50 12.58 -14.23
C HIS A 314 16.11 11.78 -15.37
N GLY A 315 15.37 10.78 -15.84
CA GLY A 315 15.89 9.75 -16.70
C GLY A 315 16.03 10.20 -18.13
N TRP A 316 15.24 11.20 -18.49
CA TRP A 316 15.26 11.76 -19.83
C TRP A 316 16.53 12.60 -20.08
N TRP A 317 16.80 12.85 -21.37
CA TRP A 317 17.84 13.77 -21.80
C TRP A 317 17.21 15.15 -21.82
N THR A 318 18.03 16.18 -21.67
CA THR A 318 17.57 17.57 -21.73
C THR A 318 17.45 18.08 -23.19
N LYS A 319 18.37 17.64 -24.07
CA LYS A 319 18.61 18.24 -25.39
C LYS A 319 18.01 17.42 -26.54
N PHE A 332 7.12 13.09 -31.59
CA PHE A 332 6.25 13.16 -30.41
C PHE A 332 6.06 14.61 -29.94
N ASP A 333 5.01 15.25 -30.45
CA ASP A 333 4.68 16.65 -30.12
C ASP A 333 3.73 16.71 -28.92
N PRO A 334 4.16 17.35 -27.80
CA PRO A 334 3.30 17.35 -26.60
C PRO A 334 1.98 18.07 -26.78
N VAL A 335 1.99 19.21 -27.46
CA VAL A 335 0.78 20.02 -27.62
C VAL A 335 -0.26 19.30 -28.49
N GLU A 336 0.22 18.52 -29.46
CA GLU A 336 -0.63 17.70 -30.31
C GLU A 336 -1.31 16.60 -29.48
N LYS A 337 -0.52 15.85 -28.72
CA LYS A 337 -1.05 14.78 -27.86
C LYS A 337 -1.96 15.30 -26.76
N ALA A 338 -1.66 16.49 -26.23
CA ALA A 338 -2.51 17.11 -25.24
C ALA A 338 -3.86 17.52 -25.86
N GLU A 339 -3.83 17.99 -27.10
CA GLU A 339 -5.07 18.29 -27.82
C GLU A 339 -5.89 17.03 -28.15
N GLU A 340 -5.23 15.89 -28.31
CA GLU A 340 -5.89 14.62 -28.61
C GLU A 340 -6.42 13.90 -27.36
N PHE A 341 -5.62 13.83 -26.28
CA PHE A 341 -5.97 13.05 -25.06
C PHE A 341 -6.30 13.89 -23.82
N GLY A 342 -6.10 15.22 -23.88
CA GLY A 342 -6.25 16.12 -22.71
C GLY A 342 -4.91 16.53 -22.14
N TYR A 343 -4.84 17.74 -21.58
CA TYR A 343 -3.57 18.27 -21.03
C TYR A 343 -3.17 17.59 -19.72
N ASP A 344 -4.05 17.66 -18.73
CA ASP A 344 -3.85 16.97 -17.45
C ASP A 344 -3.57 15.47 -17.60
N ALA A 345 -4.32 14.82 -18.49
CA ALA A 345 -4.11 13.40 -18.77
C ALA A 345 -2.71 13.11 -19.30
N LEU A 346 -2.21 13.98 -20.18
CA LEU A 346 -0.85 13.83 -20.71
C LEU A 346 0.19 14.04 -19.60
N LYS A 347 -0.01 15.06 -18.77
CA LYS A 347 0.88 15.30 -17.66
C LYS A 347 0.89 14.09 -16.71
N TYR A 348 -0.31 13.58 -16.40
CA TYR A 348 -0.43 12.36 -15.60
C TYR A 348 0.38 11.23 -16.18
N PHE A 349 0.26 11.03 -17.49
CA PHE A 349 0.95 9.93 -18.15
C PHE A 349 2.47 10.05 -18.09
N LEU A 350 3.00 11.23 -18.36
CA LEU A 350 4.44 11.42 -18.35
C LEU A 350 5.03 11.25 -16.93
N LEU A 351 4.27 11.68 -15.94
CA LEU A 351 4.73 11.63 -14.56
C LEU A 351 4.59 10.24 -13.97
N ARG A 352 3.57 9.51 -14.42
CA ARG A 352 3.29 8.15 -13.94
C ARG A 352 4.16 7.09 -14.65
N GLU A 353 4.37 7.25 -15.95
CA GLU A 353 4.99 6.21 -16.76
C GLU A 353 6.49 6.06 -16.54
N SER A 354 7.14 7.13 -16.12
CA SER A 354 8.60 7.14 -15.98
C SER A 354 9.05 7.62 -14.62
N GLY A 355 9.89 6.82 -13.99
CA GLY A 355 10.61 7.26 -12.83
C GLY A 355 11.97 7.60 -13.37
N PHE A 356 12.99 7.11 -12.68
CA PHE A 356 14.34 7.64 -12.80
C PHE A 356 15.23 6.92 -13.83
N SER A 357 14.68 5.91 -14.54
CA SER A 357 15.27 5.37 -15.78
C SER A 357 14.50 5.78 -17.06
N ASP A 358 15.06 5.39 -18.20
CA ASP A 358 14.50 5.66 -19.52
C ASP A 358 13.61 4.50 -19.94
N ASP A 359 13.50 3.51 -19.07
CA ASP A 359 12.73 2.33 -19.38
C ASP A 359 11.25 2.52 -19.14
N GLY A 360 10.59 3.23 -20.05
CA GLY A 360 9.17 3.47 -19.95
C GLY A 360 8.50 3.40 -21.30
N ASP A 361 7.27 2.93 -21.36
CA ASP A 361 6.56 2.79 -22.62
C ASP A 361 5.65 3.97 -22.89
N TYR A 362 6.01 4.75 -23.88
CA TYR A 362 5.22 5.95 -24.30
C TYR A 362 4.35 5.79 -25.56
N SER A 363 3.96 4.58 -25.88
CA SER A 363 3.07 4.36 -27.01
C SER A 363 1.64 4.86 -26.76
N ASP A 364 0.90 5.08 -27.86
CA ASP A 364 -0.55 5.38 -27.80
C ASP A 364 -1.34 4.27 -27.11
N LYS A 365 -0.91 3.02 -27.28
CA LYS A 365 -1.55 1.89 -26.62
C LYS A 365 -1.49 2.06 -25.10
N ASN A 366 -0.28 2.26 -24.57
CA ASN A 366 -0.10 2.45 -23.11
C ASN A 366 -0.75 3.73 -22.53
N MET A 367 -0.68 4.82 -23.30
CA MET A 367 -1.38 6.06 -22.97
C MET A 367 -2.87 5.85 -22.77
N ILE A 368 -3.48 5.12 -23.69
CA ILE A 368 -4.90 4.80 -23.63
C ILE A 368 -5.16 3.83 -22.48
N ALA A 369 -4.27 2.87 -22.28
CA ALA A 369 -4.38 1.92 -21.16
C ALA A 369 -4.53 2.65 -19.83
N ARG A 370 -3.63 3.61 -19.58
CA ARG A 370 -3.66 4.41 -18.35
C ARG A 370 -4.79 5.44 -18.28
N LEU A 371 -5.12 6.07 -19.40
CA LEU A 371 -6.26 6.97 -19.47
C LEU A 371 -7.53 6.24 -19.04
N ASN A 372 -7.77 5.06 -19.63
CA ASN A 372 -9.00 4.30 -19.36
C ASN A 372 -8.93 3.62 -18.00
N GLY A 373 -7.85 2.90 -17.76
CA GLY A 373 -7.67 2.11 -16.54
C GLY A 373 -7.68 2.95 -15.29
N GLU A 374 -6.74 3.89 -15.20
CA GLU A 374 -6.50 4.60 -13.96
C GLU A 374 -7.34 5.89 -13.89
N LEU A 375 -7.30 6.74 -14.91
CA LEU A 375 -8.01 8.03 -14.83
C LEU A 375 -9.52 7.92 -14.97
N ALA A 376 -10.00 7.13 -15.94
CA ALA A 376 -11.45 6.95 -16.16
C ALA A 376 -12.07 5.94 -15.18
N ASP A 377 -11.59 4.70 -15.17
CA ASP A 377 -12.19 3.64 -14.36
C ASP A 377 -11.94 3.79 -12.87
N THR A 378 -10.75 4.23 -12.47
CA THR A 378 -10.44 4.32 -11.05
C THR A 378 -10.91 5.65 -10.50
N LEU A 379 -10.39 6.76 -11.00
CA LEU A 379 -10.68 8.07 -10.43
C LEU A 379 -12.04 8.60 -10.88
N GLY A 380 -12.20 8.70 -12.20
CA GLY A 380 -13.42 9.25 -12.82
C GLY A 380 -14.70 8.55 -12.39
N ASN A 381 -14.77 7.25 -12.62
CA ASN A 381 -15.87 6.40 -12.13
C ASN A 381 -16.25 6.75 -10.70
N LEU A 382 -15.25 6.79 -9.83
CA LEU A 382 -15.45 6.98 -8.40
C LEU A 382 -16.07 8.34 -8.07
N VAL A 383 -15.67 9.36 -8.82
CA VAL A 383 -16.22 10.71 -8.67
C VAL A 383 -17.70 10.73 -9.07
N MET A 384 -18.03 10.00 -10.14
CA MET A 384 -19.42 9.92 -10.61
C MET A 384 -20.27 9.14 -9.61
N ARG A 385 -19.79 8.02 -9.10
CA ARG A 385 -20.51 7.21 -8.07
C ARG A 385 -20.94 8.02 -6.83
N CYS A 386 -20.03 8.77 -6.23
CA CYS A 386 -20.35 9.48 -4.99
C CYS A 386 -21.17 10.76 -5.19
N THR A 387 -21.28 11.23 -6.43
CA THR A 387 -22.06 12.43 -6.76
C THR A 387 -23.37 12.15 -7.51
N SER A 388 -23.55 10.95 -8.06
CA SER A 388 -24.74 10.64 -8.89
C SER A 388 -26.02 10.75 -8.07
N ALA A 389 -27.09 11.18 -8.72
CA ALA A 389 -28.37 11.39 -8.06
C ALA A 389 -29.08 10.05 -7.69
N LYS A 390 -28.73 8.95 -8.36
CA LYS A 390 -29.18 7.60 -7.98
C LYS A 390 -28.75 7.25 -6.54
N ILE A 391 -27.48 7.51 -6.21
CA ILE A 391 -26.85 7.11 -4.94
C ILE A 391 -26.87 8.21 -3.90
N ASN A 392 -26.39 9.39 -4.29
CA ASN A 392 -26.40 10.57 -3.42
C ASN A 392 -27.69 11.32 -3.78
N VAL A 393 -28.80 10.90 -3.18
CA VAL A 393 -30.11 11.45 -3.53
C VAL A 393 -30.31 12.89 -3.04
N ASN A 394 -29.79 13.24 -1.87
CA ASN A 394 -29.92 14.62 -1.38
C ASN A 394 -28.94 15.64 -1.96
N GLY A 395 -28.01 15.20 -2.83
CA GLY A 395 -26.98 16.09 -3.40
C GLY A 395 -26.20 16.85 -2.34
N GLU A 396 -25.78 16.14 -1.29
CA GLU A 396 -24.99 16.75 -0.22
C GLU A 396 -24.03 15.75 0.42
N TRP A 397 -23.14 16.26 1.24
CA TRP A 397 -22.27 15.45 2.08
C TRP A 397 -23.11 15.00 3.27
N PRO A 398 -23.48 13.69 3.32
CA PRO A 398 -24.25 13.25 4.45
C PRO A 398 -23.41 13.13 5.74
N SER A 399 -24.12 12.99 6.85
CA SER A 399 -23.53 12.88 8.16
C SER A 399 -23.33 11.39 8.48
N PRO A 400 -22.09 10.96 8.80
CA PRO A 400 -21.91 9.50 8.93
C PRO A 400 -22.53 8.94 10.21
N ALA A 401 -22.99 7.69 10.16
CA ALA A 401 -23.41 6.92 11.34
C ALA A 401 -22.16 6.32 12.03
N ALA A 402 -22.32 5.23 12.78
CA ALA A 402 -21.15 4.59 13.39
C ALA A 402 -20.36 3.81 12.34
N TYR A 403 -19.07 3.69 12.62
CA TYR A 403 -18.10 3.10 11.72
C TYR A 403 -17.83 1.62 12.06
N THR A 404 -17.92 0.74 11.06
CA THR A 404 -17.49 -0.66 11.18
C THR A 404 -15.97 -0.73 11.09
N GLU A 405 -15.39 -1.89 11.41
CA GLU A 405 -13.94 -2.08 11.27
C GLU A 405 -13.45 -1.97 9.83
N GLU A 406 -14.28 -2.36 8.87
CA GLU A 406 -13.95 -2.16 7.45
C GLU A 406 -13.95 -0.67 7.07
N ASP A 407 -14.93 0.08 7.56
CA ASP A 407 -14.94 1.55 7.42
C ASP A 407 -13.62 2.13 7.96
N GLU A 408 -13.27 1.73 9.18
CA GLU A 408 -12.10 2.25 9.83
C GLU A 408 -10.82 1.90 9.08
N SER A 409 -10.76 0.75 8.43
CA SER A 409 -9.56 0.36 7.69
C SER A 409 -9.32 1.32 6.52
N LEU A 410 -10.40 1.71 5.85
CA LEU A 410 -10.29 2.63 4.73
C LEU A 410 -9.96 4.04 5.20
N ILE A 411 -10.60 4.47 6.27
CA ILE A 411 -10.32 5.76 6.89
C ILE A 411 -8.85 5.89 7.30
N GLN A 412 -8.30 4.83 7.86
CA GLN A 412 -6.89 4.79 8.23
C GLN A 412 -5.99 5.04 7.01
N LEU A 413 -6.30 4.37 5.91
CA LEU A 413 -5.55 4.58 4.68
C LEU A 413 -5.59 6.06 4.23
N ILE A 414 -6.76 6.68 4.35
CA ILE A 414 -6.98 8.03 3.88
C ILE A 414 -6.23 9.00 4.76
N LYS A 415 -6.23 8.75 6.07
CA LYS A 415 -5.45 9.58 7.00
C LYS A 415 -3.96 9.47 6.83
N ASP A 416 -3.47 8.28 6.50
CA ASP A 416 -2.03 8.06 6.30
C ASP A 416 -1.51 8.64 4.97
N LEU A 417 -2.40 8.78 3.98
CA LEU A 417 -2.00 9.17 2.63
C LEU A 417 -1.24 10.51 2.52
N PRO A 418 -1.74 11.58 3.17
CA PRO A 418 -1.04 12.85 3.09
C PRO A 418 0.41 12.79 3.54
N GLY A 419 0.70 12.12 4.63
CA GLY A 419 2.08 12.04 5.10
C GLY A 419 3.00 11.25 4.18
N THR A 420 2.45 10.18 3.60
CA THR A 420 3.15 9.30 2.69
C THR A 420 3.47 10.06 1.41
N ALA A 421 2.45 10.67 0.82
CA ALA A 421 2.61 11.45 -0.40
C ALA A 421 3.53 12.66 -0.18
N ASP A 422 3.41 13.30 0.99
CA ASP A 422 4.30 14.41 1.33
C ASP A 422 5.76 13.97 1.24
N HIS A 423 6.11 12.85 1.86
CA HIS A 423 7.50 12.39 1.79
C HIS A 423 7.95 12.13 0.33
N TYR A 424 7.08 11.54 -0.48
CA TYR A 424 7.40 11.27 -1.89
C TYR A 424 7.63 12.55 -2.68
N TYR A 425 6.70 13.51 -2.58
CA TYR A 425 6.87 14.83 -3.19
C TYR A 425 8.14 15.54 -2.74
N LEU A 426 8.55 15.37 -1.48
CA LEU A 426 9.76 16.04 -1.00
C LEU A 426 11.08 15.41 -1.42
N ILE A 427 11.06 14.15 -1.84
CA ILE A 427 12.30 13.46 -2.27
C ILE A 427 13.13 14.20 -3.33
N PRO A 428 12.57 14.58 -4.48
CA PRO A 428 11.18 14.35 -4.91
C PRO A 428 11.04 13.16 -5.86
N ASP A 429 10.02 12.32 -5.65
CA ASP A 429 9.71 11.19 -6.52
C ASP A 429 8.22 11.25 -6.83
N ILE A 430 7.89 11.89 -7.95
CA ILE A 430 6.50 12.20 -8.26
C ILE A 430 5.72 10.96 -8.70
N GLN A 431 6.42 10.01 -9.32
CA GLN A 431 5.79 8.76 -9.69
C GLN A 431 5.30 8.00 -8.45
N LYS A 432 6.13 7.95 -7.42
CA LYS A 432 5.76 7.29 -6.17
C LYS A 432 4.61 8.01 -5.44
N ALA A 433 4.60 9.34 -5.46
CA ALA A 433 3.47 10.08 -4.93
C ALA A 433 2.16 9.70 -5.63
N ILE A 434 2.17 9.61 -6.95
CA ILE A 434 0.97 9.25 -7.71
C ILE A 434 0.52 7.83 -7.34
N ILE A 435 1.48 6.91 -7.28
CA ILE A 435 1.13 5.51 -7.02
C ILE A 435 0.46 5.37 -5.68
N ALA A 436 1.01 6.06 -4.68
CA ALA A 436 0.44 6.09 -3.33
C ALA A 436 -1.03 6.55 -3.34
N VAL A 437 -1.31 7.62 -4.05
CA VAL A 437 -2.66 8.14 -4.10
C VAL A 437 -3.58 7.13 -4.76
N PHE A 438 -3.12 6.55 -5.87
CA PHE A 438 -3.97 5.64 -6.62
C PHE A 438 -4.20 4.32 -5.88
N ASP A 439 -3.23 3.89 -5.08
CA ASP A 439 -3.43 2.76 -4.17
C ASP A 439 -4.66 3.02 -3.30
N VAL A 440 -4.76 4.23 -2.75
CA VAL A 440 -5.91 4.58 -1.93
C VAL A 440 -7.17 4.65 -2.79
N LEU A 441 -7.06 5.17 -4.01
CA LEU A 441 -8.22 5.20 -4.90
C LEU A 441 -8.75 3.79 -5.21
N ARG A 442 -7.82 2.86 -5.45
CA ARG A 442 -8.21 1.47 -5.70
C ARG A 442 -8.91 0.89 -4.47
N ALA A 443 -8.36 1.18 -3.31
CA ALA A 443 -8.99 0.74 -2.05
C ALA A 443 -10.42 1.29 -1.90
N ILE A 444 -10.61 2.57 -2.19
CA ILE A 444 -11.90 3.19 -2.05
C ILE A 444 -12.89 2.50 -3.00
N ASN A 445 -12.44 2.20 -4.21
CA ASN A 445 -13.30 1.50 -5.19
C ASN A 445 -13.72 0.12 -4.72
N ALA A 446 -12.77 -0.60 -4.15
CA ALA A 446 -13.01 -1.91 -3.57
C ALA A 446 -14.07 -1.81 -2.46
N TYR A 447 -13.90 -0.82 -1.59
CA TYR A 447 -14.86 -0.56 -0.50
C TYR A 447 -16.27 -0.30 -1.01
N VAL A 448 -16.37 0.46 -2.10
CA VAL A 448 -17.66 0.84 -2.69
C VAL A 448 -18.33 -0.39 -3.31
N THR A 449 -17.55 -1.20 -3.98
CA THR A 449 -18.03 -2.38 -4.60
C THR A 449 -18.55 -3.32 -3.53
N ASP A 450 -17.84 -3.37 -2.44
CA ASP A 450 -18.18 -4.18 -1.31
C ASP A 450 -19.46 -3.80 -0.60
N MET A 451 -19.65 -2.51 -0.37
CA MET A 451 -20.79 -2.01 0.35
C MET A 451 -21.96 -1.86 -0.53
N ALA A 452 -21.69 -1.85 -1.80
CA ALA A 452 -22.75 -1.71 -2.82
C ALA A 452 -23.81 -0.62 -2.52
N PRO A 453 -23.39 0.65 -2.39
CA PRO A 453 -24.30 1.71 -1.91
C PRO A 453 -25.59 1.93 -2.74
N TRP A 454 -25.54 1.56 -4.01
CA TRP A 454 -26.74 1.55 -4.87
C TRP A 454 -27.88 0.70 -4.29
N LYS A 455 -27.56 -0.49 -3.76
CA LYS A 455 -28.55 -1.29 -3.00
C LYS A 455 -28.99 -0.61 -1.68
N LEU A 456 -28.05 0.00 -0.96
CA LEU A 456 -28.33 0.63 0.33
C LEU A 456 -29.34 1.78 0.36
N VAL A 457 -29.60 2.43 -0.79
CA VAL A 457 -30.61 3.53 -0.85
C VAL A 457 -32.00 3.00 -0.46
N LYS A 458 -32.27 1.73 -0.81
CA LYS A 458 -33.52 1.04 -0.45
C LYS A 458 -33.44 0.35 0.93
N THR A 459 -32.48 -0.56 1.10
CA THR A 459 -32.39 -1.42 2.30
C THR A 459 -32.06 -0.66 3.60
N ASP A 460 -31.04 0.20 3.57
CA ASP A 460 -30.41 0.72 4.80
C ASP A 460 -29.85 2.14 4.61
N PRO A 461 -30.73 3.17 4.58
CA PRO A 461 -30.29 4.57 4.50
C PRO A 461 -29.27 5.02 5.55
N GLU A 462 -29.46 4.64 6.80
CA GLU A 462 -28.52 5.02 7.88
C GLU A 462 -27.08 4.59 7.52
N ARG A 463 -26.95 3.41 6.93
CA ARG A 463 -25.63 2.85 6.57
C ARG A 463 -25.01 3.60 5.38
N LEU A 464 -25.82 3.87 4.37
CA LEU A 464 -25.40 4.62 3.19
C LEU A 464 -24.78 5.97 3.53
N ARG A 465 -25.36 6.67 4.49
CA ARG A 465 -24.76 7.91 4.98
C ARG A 465 -23.26 7.72 5.31
N THR A 466 -22.94 6.66 6.05
CA THR A 466 -21.55 6.37 6.42
C THR A 466 -20.68 6.01 5.20
N VAL A 467 -21.22 5.18 4.31
CA VAL A 467 -20.48 4.72 3.12
C VAL A 467 -20.16 5.87 2.18
N LEU A 468 -21.18 6.69 1.94
CA LEU A 468 -21.08 7.85 1.07
C LEU A 468 -20.17 8.93 1.63
N TYR A 469 -20.26 9.20 2.93
CA TYR A 469 -19.39 10.20 3.55
C TYR A 469 -17.92 9.83 3.42
N ILE A 470 -17.61 8.57 3.74
CA ILE A 470 -16.24 8.08 3.65
C ILE A 470 -15.76 8.15 2.21
N THR A 471 -16.62 7.80 1.26
CA THR A 471 -16.28 7.83 -0.16
C THR A 471 -15.92 9.25 -0.62
N LEU A 472 -16.80 10.20 -0.31
CA LEU A 472 -16.59 11.60 -0.68
C LEU A 472 -15.29 12.13 -0.09
N GLU A 473 -15.07 11.86 1.19
CA GLU A 473 -13.90 12.37 1.85
C GLU A 473 -12.61 11.73 1.31
N GLY A 474 -12.67 10.49 0.87
CA GLY A 474 -11.52 9.86 0.24
C GLY A 474 -11.24 10.47 -1.11
N VAL A 475 -12.29 10.72 -1.87
CA VAL A 475 -12.16 11.38 -3.17
C VAL A 475 -11.59 12.80 -3.02
N ARG A 476 -12.03 13.54 -2.00
CA ARG A 476 -11.50 14.87 -1.74
C ARG A 476 -10.01 14.86 -1.44
N VAL A 477 -9.61 14.03 -0.48
CA VAL A 477 -8.23 14.01 -0.01
C VAL A 477 -7.28 13.55 -1.10
N THR A 478 -7.66 12.51 -1.85
CA THR A 478 -6.85 12.03 -2.98
C THR A 478 -6.76 13.08 -4.08
N THR A 479 -7.86 13.80 -4.31
CA THR A 479 -7.93 14.83 -5.36
C THR A 479 -7.05 16.04 -4.99
N LEU A 480 -7.03 16.38 -3.71
CA LEU A 480 -6.15 17.42 -3.21
C LEU A 480 -4.70 17.11 -3.46
N LEU A 481 -4.26 15.90 -3.12
CA LEU A 481 -2.88 15.46 -3.34
C LEU A 481 -2.53 15.23 -4.81
N LEU A 482 -3.54 14.96 -5.65
CA LEU A 482 -3.36 14.90 -7.11
C LEU A 482 -3.43 16.26 -7.83
N SER A 483 -3.78 17.34 -7.13
CA SER A 483 -4.02 18.62 -7.80
C SER A 483 -2.76 19.24 -8.46
N PRO A 484 -1.55 18.93 -7.94
CA PRO A 484 -0.37 19.36 -8.70
C PRO A 484 -0.17 18.63 -10.04
N ILE A 485 -0.73 17.42 -10.18
CA ILE A 485 -0.62 16.58 -11.37
C ILE A 485 -1.77 16.85 -12.35
N LEU A 486 -2.98 17.07 -11.82
CA LEU A 486 -4.19 17.31 -12.60
C LEU A 486 -4.82 18.63 -12.13
N PRO A 487 -4.14 19.76 -12.43
CA PRO A 487 -4.61 21.03 -11.85
C PRO A 487 -5.99 21.45 -12.34
N ARG A 488 -6.30 21.20 -13.61
CA ARG A 488 -7.60 21.58 -14.18
C ARG A 488 -8.73 20.65 -13.71
N LYS A 489 -8.50 19.35 -13.85
CA LYS A 489 -9.48 18.34 -13.45
C LYS A 489 -9.77 18.35 -11.94
N SER A 490 -8.76 18.64 -11.12
CA SER A 490 -8.98 18.76 -9.68
C SER A 490 -10.02 19.84 -9.36
N VAL A 491 -10.00 20.92 -10.14
CA VAL A 491 -10.99 21.98 -9.98
C VAL A 491 -12.37 21.49 -10.39
N VAL A 492 -12.46 20.73 -11.48
CA VAL A 492 -13.73 20.16 -11.88
C VAL A 492 -14.26 19.24 -10.79
N ILE A 493 -13.38 18.36 -10.27
CA ILE A 493 -13.78 17.40 -9.22
C ILE A 493 -14.28 18.17 -7.98
N PHE A 494 -13.48 19.10 -7.49
CA PHE A 494 -13.88 19.88 -6.32
C PHE A 494 -15.21 20.61 -6.54
N ASP A 495 -15.45 21.09 -7.76
CA ASP A 495 -16.72 21.75 -8.08
C ASP A 495 -17.90 20.78 -7.99
N MET A 496 -17.72 19.57 -8.51
CA MET A 496 -18.76 18.55 -8.42
C MET A 496 -19.06 18.17 -6.98
N LEU A 497 -17.99 17.97 -6.21
CA LEU A 497 -18.11 17.68 -4.78
C LEU A 497 -18.62 18.85 -3.95
N GLY A 498 -18.55 20.06 -4.51
CA GLY A 498 -19.03 21.26 -3.83
C GLY A 498 -18.10 21.72 -2.73
N VAL A 499 -16.80 21.47 -2.91
CA VAL A 499 -15.80 21.76 -1.88
C VAL A 499 -15.54 23.25 -1.93
N PRO A 500 -15.80 23.96 -0.82
CA PRO A 500 -15.44 25.38 -0.79
C PRO A 500 -13.96 25.67 -1.13
N GLU A 501 -13.74 26.79 -1.82
CA GLU A 501 -12.39 27.26 -2.25
C GLU A 501 -11.37 27.23 -1.14
N VAL A 502 -11.78 27.62 0.07
CA VAL A 502 -10.85 27.68 1.19
C VAL A 502 -10.26 26.30 1.54
N HIS A 503 -11.04 25.25 1.28
CA HIS A 503 -10.63 23.87 1.58
C HIS A 503 -9.82 23.19 0.46
N ARG A 504 -9.51 23.92 -0.62
CA ARG A 504 -8.76 23.35 -1.74
C ARG A 504 -7.27 23.52 -1.66
N LYS A 505 -6.78 24.09 -0.57
CA LYS A 505 -5.35 24.16 -0.32
C LYS A 505 -5.13 24.31 1.16
N GLY A 506 -3.88 24.21 1.59
CA GLY A 506 -3.50 24.35 2.99
C GLY A 506 -3.36 22.99 3.65
N ILE A 507 -2.25 22.78 4.36
CA ILE A 507 -2.02 21.52 5.07
C ILE A 507 -3.15 21.16 6.04
N GLU A 508 -3.84 22.17 6.55
CA GLU A 508 -5.03 21.97 7.39
C GLU A 508 -6.04 21.05 6.76
N ASN A 509 -6.24 21.20 5.47
CA ASN A 509 -7.23 20.44 4.74
C ASN A 509 -6.75 19.09 4.20
N PHE A 510 -5.51 18.70 4.52
CA PHE A 510 -5.05 17.32 4.33
C PHE A 510 -5.72 16.36 5.34
N GLU A 511 -6.15 16.90 6.48
CA GLU A 511 -6.79 16.12 7.53
C GLU A 511 -8.17 15.62 7.15
N PHE A 512 -8.47 14.42 7.62
CA PHE A 512 -9.73 13.76 7.38
C PHE A 512 -10.80 14.55 8.14
N GLY A 513 -11.94 14.75 7.49
CA GLY A 513 -13.07 15.45 8.08
C GLY A 513 -13.15 16.96 7.87
N ALA A 514 -12.34 17.52 6.99
CA ALA A 514 -12.23 18.99 6.85
C ALA A 514 -13.46 19.65 6.24
N VAL A 515 -14.14 18.94 5.35
CA VAL A 515 -15.37 19.46 4.73
C VAL A 515 -16.54 18.95 5.55
N PRO A 516 -17.29 19.86 6.18
CA PRO A 516 -18.35 19.40 7.09
C PRO A 516 -19.60 18.82 6.38
N PRO A 517 -20.29 17.86 7.02
CA PRO A 517 -21.56 17.37 6.47
C PRO A 517 -22.61 18.48 6.38
N GLY A 518 -23.46 18.38 5.37
CA GLY A 518 -24.40 19.45 5.02
C GLY A 518 -23.95 20.27 3.81
N THR A 519 -22.67 20.15 3.43
CA THR A 519 -22.12 20.83 2.25
C THR A 519 -22.85 20.35 0.99
N ARG A 520 -23.42 21.28 0.22
CA ARG A 520 -24.18 20.90 -0.99
C ARG A 520 -23.18 20.63 -2.10
N LEU A 521 -23.46 19.61 -2.91
CA LEU A 521 -22.69 19.34 -4.14
C LEU A 521 -22.88 20.47 -5.15
N GLY A 522 -22.02 20.50 -6.17
CA GLY A 522 -22.16 21.49 -7.24
C GLY A 522 -23.21 21.03 -8.22
N PRO A 523 -23.67 21.92 -9.11
CA PRO A 523 -24.62 21.50 -10.14
C PRO A 523 -24.08 20.41 -11.07
N ALA A 524 -24.98 19.56 -11.56
CA ALA A 524 -24.68 18.58 -12.62
C ALA A 524 -24.82 19.27 -13.98
N VAL A 525 -24.36 18.60 -15.05
CA VAL A 525 -24.64 19.02 -16.44
C VAL A 525 -25.47 17.93 -17.13
N GLU A 528 -21.36 15.57 -19.98
CA GLU A 528 -20.84 15.61 -18.61
C GLU A 528 -20.00 14.36 -18.27
N VAL A 529 -18.75 14.37 -18.74
CA VAL A 529 -17.74 13.37 -18.36
C VAL A 529 -16.46 14.05 -17.91
N LEU A 530 -15.71 13.36 -17.06
CA LEU A 530 -14.51 13.89 -16.44
C LEU A 530 -13.30 13.50 -17.27
N PHE A 531 -13.14 12.20 -17.51
CA PHE A 531 -12.25 11.68 -18.55
C PHE A 531 -13.09 10.66 -19.32
N SER A 532 -13.17 10.81 -20.63
CA SER A 532 -13.89 9.87 -21.50
C SER A 532 -12.92 8.85 -22.08
N LYS A 533 -13.32 7.59 -22.05
CA LYS A 533 -12.48 6.48 -22.49
C LYS A 533 -12.26 6.53 -24.02
N ARG A 534 -11.20 5.87 -24.51
CA ARG A 534 -10.87 5.86 -25.94
C ARG A 534 -10.65 4.40 -26.42
N SER A 535 -10.82 4.12 -27.71
CA SER A 535 -10.95 2.74 -28.24
C SER A 535 -9.71 1.84 -28.08
N GLY B 1 -0.94 5.85 11.70
CA GLY B 1 -1.77 6.16 12.90
C GLY B 1 -1.80 4.97 13.82
N PRO B 2 -1.93 5.20 15.14
CA PRO B 2 -1.92 4.06 16.06
C PRO B 2 -3.12 3.16 15.82
N GLY B 3 -2.98 1.88 16.15
CA GLY B 3 -4.05 0.90 15.96
C GLY B 3 -4.98 0.87 17.15
N SER B 4 -5.88 -0.10 17.20
CA SER B 4 -6.82 -0.20 18.32
C SER B 4 -6.10 -0.74 19.56
N MET B 5 -6.55 -0.28 20.72
CA MET B 5 -5.99 -0.73 21.97
C MET B 5 -6.51 -2.12 22.29
N LYS B 6 -5.86 -2.73 23.25
CA LYS B 6 -6.18 -4.07 23.73
C LYS B 6 -7.56 -4.12 24.34
N VAL B 7 -8.30 -5.21 24.13
CA VAL B 7 -9.53 -5.43 24.89
C VAL B 7 -9.20 -5.64 26.38
N GLU B 8 -10.14 -5.41 27.28
CA GLU B 8 -9.86 -5.74 28.68
C GLU B 8 -10.29 -7.21 28.88
N LYS B 9 -11.41 -7.63 28.28
CA LYS B 9 -11.86 -9.05 28.47
C LYS B 9 -10.86 -10.02 27.89
N VAL B 10 -11.11 -11.32 28.00
CA VAL B 10 -10.32 -12.33 27.29
C VAL B 10 -10.86 -12.41 25.88
N PHE B 11 -9.97 -12.31 24.89
CA PHE B 11 -10.40 -12.33 23.50
C PHE B 11 -10.75 -13.76 23.18
N PHE B 12 -12.00 -13.96 22.80
CA PHE B 12 -12.58 -15.29 22.68
C PHE B 12 -12.86 -15.57 21.19
N VAL B 13 -12.13 -16.52 20.61
CA VAL B 13 -12.22 -16.84 19.20
C VAL B 13 -12.49 -18.35 19.02
N THR B 14 -13.41 -18.69 18.13
CA THR B 14 -13.89 -20.07 18.00
C THR B 14 -13.83 -20.54 16.56
N SER B 15 -13.66 -21.85 16.41
CA SER B 15 -13.92 -22.53 15.15
C SER B 15 -15.28 -23.20 15.31
N PRO B 16 -15.81 -23.76 14.23
CA PRO B 16 -17.00 -24.60 14.42
C PRO B 16 -16.51 -25.90 14.97
N ILE B 17 -17.40 -26.65 15.61
CA ILE B 17 -17.07 -28.02 16.07
C ILE B 17 -17.49 -28.98 14.97
N TYR B 18 -16.62 -29.92 14.63
CA TYR B 18 -16.76 -30.72 13.39
C TYR B 18 -17.38 -32.11 13.61
N TYR B 19 -18.30 -32.50 12.72
CA TYR B 19 -19.06 -33.76 12.83
C TYR B 19 -18.12 -34.96 12.64
N VAL B 20 -18.17 -35.93 13.57
CA VAL B 20 -17.18 -37.02 13.64
C VAL B 20 -17.54 -38.26 12.81
N ASN B 21 -18.40 -38.09 11.81
CA ASN B 21 -18.73 -39.11 10.82
C ASN B 21 -17.83 -38.98 9.55
N ALA B 22 -16.73 -38.22 9.66
CA ALA B 22 -15.76 -38.03 8.59
C ALA B 22 -14.40 -37.84 9.25
N ALA B 23 -13.33 -38.35 8.63
CA ALA B 23 -11.96 -38.08 9.10
C ALA B 23 -11.67 -36.60 8.86
N PRO B 24 -10.69 -36.03 9.60
CA PRO B 24 -10.31 -34.66 9.31
C PRO B 24 -9.84 -34.48 7.86
N HIS B 25 -10.08 -33.29 7.30
CA HIS B 25 -9.74 -32.91 5.93
C HIS B 25 -9.48 -31.38 5.82
N ILE B 26 -9.18 -30.89 4.61
CA ILE B 26 -8.78 -29.49 4.42
C ILE B 26 -9.79 -28.44 4.97
N GLY B 27 -11.08 -28.61 4.68
CA GLY B 27 -12.15 -27.83 5.30
C GLY B 27 -12.01 -27.54 6.79
N HIS B 28 -11.85 -28.60 7.58
CA HIS B 28 -11.69 -28.45 9.03
C HIS B 28 -10.39 -27.73 9.36
N VAL B 29 -9.33 -28.14 8.67
CA VAL B 29 -8.00 -27.55 8.83
C VAL B 29 -8.01 -26.07 8.52
N TYR B 30 -8.71 -25.70 7.46
CA TYR B 30 -8.77 -24.31 7.05
C TYR B 30 -9.45 -23.49 8.10
N SER B 31 -10.67 -23.90 8.49
CA SER B 31 -11.44 -23.19 9.50
C SER B 31 -10.68 -22.99 10.80
N THR B 32 -10.06 -24.04 11.29
CA THR B 32 -9.28 -23.97 12.53
C THR B 32 -8.01 -23.10 12.36
N LEU B 33 -7.40 -23.10 11.17
CA LEU B 33 -6.27 -22.22 10.86
C LEU B 33 -6.62 -20.75 11.05
N ILE B 34 -7.76 -20.35 10.50
CA ILE B 34 -8.25 -19.00 10.63
C ILE B 34 -8.45 -18.67 12.12
N THR B 35 -9.04 -19.61 12.84
CA THR B 35 -9.28 -19.45 14.27
C THR B 35 -7.95 -19.26 15.00
N ASP B 36 -7.00 -20.11 14.68
CA ASP B 36 -5.66 -20.08 15.28
C ASP B 36 -4.93 -18.78 15.01
N VAL B 37 -4.97 -18.34 13.76
CA VAL B 37 -4.32 -17.10 13.37
C VAL B 37 -4.88 -15.88 14.14
N ILE B 38 -6.22 -15.74 14.15
CA ILE B 38 -6.85 -14.63 14.85
C ILE B 38 -6.38 -14.68 16.31
N GLY B 39 -6.44 -15.87 16.89
CA GLY B 39 -5.99 -16.05 18.26
C GLY B 39 -4.57 -15.60 18.47
N ARG B 40 -3.71 -16.07 17.58
CA ARG B 40 -2.30 -15.73 17.63
C ARG B 40 -2.09 -14.22 17.53
N TYR B 41 -2.79 -13.55 16.61
CA TYR B 41 -2.61 -12.10 16.45
C TYR B 41 -2.88 -11.38 17.78
N HIS B 42 -3.98 -11.73 18.44
CA HIS B 42 -4.31 -11.05 19.69
C HIS B 42 -3.36 -11.37 20.84
N ARG B 43 -2.80 -12.58 20.81
CA ARG B 43 -1.76 -12.94 21.76
C ARG B 43 -0.55 -12.05 21.56
N VAL B 44 -0.14 -11.90 20.29
CA VAL B 44 0.99 -11.05 19.96
C VAL B 44 0.73 -9.58 20.37
N LYS B 45 -0.50 -9.13 20.19
CA LYS B 45 -0.91 -7.80 20.64
C LYS B 45 -0.74 -7.63 22.16
N GLY B 46 -0.76 -8.73 22.90
CA GLY B 46 -0.58 -8.74 24.36
C GLY B 46 -1.87 -8.87 25.13
N GLU B 47 -2.91 -9.34 24.44
CA GLU B 47 -4.19 -9.61 25.05
C GLU B 47 -4.22 -11.03 25.58
N ARG B 48 -5.11 -11.26 26.53
CA ARG B 48 -5.50 -12.60 26.91
C ARG B 48 -6.42 -13.20 25.84
N VAL B 49 -6.18 -14.48 25.54
CA VAL B 49 -6.85 -15.16 24.44
C VAL B 49 -7.31 -16.53 24.87
N PHE B 50 -8.52 -16.86 24.47
CA PHE B 50 -9.05 -18.22 24.55
C PHE B 50 -9.55 -18.63 23.16
N ALA B 51 -8.83 -19.54 22.51
CA ALA B 51 -9.22 -20.09 21.23
C ALA B 51 -9.82 -21.47 21.43
N LEU B 52 -10.95 -21.73 20.79
CA LEU B 52 -11.73 -22.94 21.01
C LEU B 52 -11.93 -23.67 19.69
N THR B 53 -11.72 -24.99 19.69
CA THR B 53 -12.14 -25.84 18.56
C THR B 53 -12.72 -27.12 19.15
N GLY B 54 -13.15 -28.05 18.32
CA GLY B 54 -13.67 -29.31 18.83
C GLY B 54 -14.53 -30.15 17.89
N THR B 55 -15.25 -31.09 18.49
CA THR B 55 -15.98 -32.11 17.76
C THR B 55 -17.44 -32.20 18.21
N ASP B 56 -18.27 -32.49 17.22
CA ASP B 56 -19.71 -32.56 17.36
C ASP B 56 -20.05 -34.06 17.17
N GLU B 57 -20.43 -34.73 18.26
CA GLU B 57 -20.40 -36.21 18.35
C GLU B 57 -21.74 -36.95 18.45
N HIS B 58 -22.82 -36.23 18.78
CA HIS B 58 -24.13 -36.87 18.87
C HIS B 58 -24.82 -37.00 17.51
N GLY B 59 -25.95 -37.70 17.49
CA GLY B 59 -26.83 -37.78 16.33
C GLY B 59 -26.90 -39.10 15.56
N GLN B 60 -27.93 -39.16 14.73
CA GLN B 60 -28.29 -40.34 13.98
C GLN B 60 -27.15 -40.82 13.05
N LYS B 61 -26.55 -39.89 12.31
CA LYS B 61 -25.49 -40.25 11.34
C LYS B 61 -24.26 -40.83 12.05
N VAL B 62 -23.88 -40.29 13.21
CA VAL B 62 -22.68 -40.74 13.90
C VAL B 62 -22.91 -42.15 14.45
N ALA B 63 -24.08 -42.38 15.04
CA ALA B 63 -24.46 -43.71 15.55
C ALA B 63 -24.49 -44.82 14.48
N GLU B 64 -24.99 -44.51 13.29
CA GLU B 64 -25.01 -45.47 12.16
C GLU B 64 -23.60 -45.76 11.61
N ALA B 65 -22.72 -44.76 11.63
CA ALA B 65 -21.29 -44.96 11.29
C ALA B 65 -20.59 -45.86 12.30
N ALA B 66 -20.98 -45.76 13.56
CA ALA B 66 -20.47 -46.65 14.60
C ALA B 66 -21.03 -48.10 14.52
N LYS B 67 -22.32 -48.26 14.16
CA LYS B 67 -22.90 -49.62 13.94
C LYS B 67 -22.21 -50.32 12.76
N GLN B 68 -21.95 -49.57 11.67
CA GLN B 68 -21.15 -50.09 10.53
C GLN B 68 -19.81 -50.68 10.97
N LYS B 69 -19.09 -49.98 11.85
CA LYS B 69 -17.77 -50.43 12.31
C LYS B 69 -17.84 -51.43 13.49
N GLN B 70 -19.05 -51.77 13.96
CA GLN B 70 -19.25 -52.72 15.05
C GLN B 70 -18.52 -52.32 16.33
N VAL B 71 -18.64 -51.04 16.67
CA VAL B 71 -18.14 -50.45 17.92
C VAL B 71 -19.24 -49.59 18.52
N SER B 72 -19.16 -49.36 19.83
CA SER B 72 -20.14 -48.51 20.50
C SER B 72 -19.91 -47.07 20.06
N PRO B 73 -21.00 -46.29 19.92
CA PRO B 73 -20.87 -44.85 19.63
C PRO B 73 -19.82 -44.09 20.48
N TYR B 74 -19.68 -44.45 21.76
CA TYR B 74 -18.70 -43.78 22.62
C TYR B 74 -17.26 -44.10 22.16
N ASP B 75 -16.98 -45.35 21.83
CA ASP B 75 -15.64 -45.75 21.35
C ASP B 75 -15.31 -45.09 20.01
N PHE B 76 -16.30 -45.07 19.12
CA PHE B 76 -16.16 -44.50 17.76
C PHE B 76 -15.86 -42.99 17.77
N THR B 77 -16.67 -42.26 18.52
CA THR B 77 -16.50 -40.82 18.65
C THR B 77 -15.18 -40.50 19.37
N THR B 78 -14.79 -41.26 20.39
CA THR B 78 -13.51 -41.04 21.08
C THR B 78 -12.34 -41.23 20.10
N ALA B 79 -12.44 -42.26 19.27
CA ALA B 79 -11.43 -42.54 18.26
C ALA B 79 -11.33 -41.39 17.25
N VAL B 80 -12.44 -41.00 16.64
CA VAL B 80 -12.41 -39.97 15.59
C VAL B 80 -11.97 -38.65 16.18
N ALA B 81 -12.45 -38.34 17.38
CA ALA B 81 -11.98 -37.15 18.09
C ALA B 81 -10.46 -37.11 18.18
N GLY B 82 -9.86 -38.24 18.53
CA GLY B 82 -8.40 -38.40 18.56
C GLY B 82 -7.72 -38.08 17.25
N GLU B 83 -8.33 -38.49 16.14
CA GLU B 83 -7.84 -38.18 14.81
C GLU B 83 -7.84 -36.66 14.56
N PHE B 84 -8.90 -35.97 14.99
CA PHE B 84 -8.98 -34.51 14.89
C PHE B 84 -7.93 -33.86 15.77
N LYS B 85 -7.78 -34.36 17.00
CA LYS B 85 -6.73 -33.86 17.89
C LYS B 85 -5.32 -34.06 17.32
N LYS B 86 -5.05 -35.25 16.76
CA LYS B 86 -3.71 -35.55 16.17
C LYS B 86 -3.49 -34.63 14.97
N CYS B 87 -4.52 -34.41 14.16
CA CYS B 87 -4.42 -33.52 12.99
C CYS B 87 -4.01 -32.11 13.40
N PHE B 88 -4.69 -31.57 14.40
CA PHE B 88 -4.44 -30.21 14.84
C PHE B 88 -3.12 -30.08 15.59
N GLU B 89 -2.64 -31.14 16.24
CA GLU B 89 -1.27 -31.13 16.79
C GLU B 89 -0.25 -31.09 15.64
N GLN B 90 -0.49 -31.88 14.60
CA GLN B 90 0.42 -31.98 13.44
C GLN B 90 0.55 -30.67 12.69
N MET B 91 -0.59 -30.00 12.51
CA MET B 91 -0.65 -28.69 11.84
C MET B 91 -0.04 -27.55 12.65
N ASP B 92 0.29 -27.78 13.92
CA ASP B 92 1.03 -26.85 14.74
C ASP B 92 0.21 -25.60 15.07
N TYR B 93 -1.06 -25.83 15.43
CA TYR B 93 -1.94 -24.79 15.93
C TYR B 93 -1.62 -24.49 17.39
N SER B 94 -2.33 -23.53 17.97
CA SER B 94 -2.14 -23.15 19.36
C SER B 94 -3.52 -22.88 19.94
N ILE B 95 -4.34 -23.92 19.91
CA ILE B 95 -5.73 -23.83 20.38
C ILE B 95 -5.69 -24.09 21.88
N ASP B 96 -6.43 -23.29 22.65
CA ASP B 96 -6.37 -23.39 24.08
C ASP B 96 -7.16 -24.57 24.60
N TYR B 97 -8.25 -24.92 23.93
CA TYR B 97 -9.06 -26.04 24.37
C TYR B 97 -9.79 -26.70 23.23
N PHE B 98 -9.91 -28.02 23.35
CA PHE B 98 -10.60 -28.86 22.38
C PHE B 98 -11.81 -29.42 23.14
N ILE B 99 -13.01 -29.07 22.69
CA ILE B 99 -14.23 -29.46 23.37
C ILE B 99 -14.90 -30.58 22.60
N ARG B 100 -15.60 -31.42 23.33
CA ARG B 100 -16.39 -32.51 22.76
C ARG B 100 -17.79 -32.44 23.34
N THR B 101 -18.80 -32.67 22.50
CA THR B 101 -20.18 -32.55 22.94
C THR B 101 -20.59 -33.73 23.84
N THR B 102 -19.83 -34.81 23.83
CA THR B 102 -20.01 -35.91 24.78
C THR B 102 -19.63 -35.57 26.21
N ASN B 103 -18.84 -34.52 26.38
CA ASN B 103 -18.39 -34.10 27.68
C ASN B 103 -19.57 -33.82 28.62
N GLU B 104 -19.44 -34.25 29.87
CA GLU B 104 -20.54 -34.18 30.83
C GLU B 104 -20.83 -32.74 31.20
N GLN B 105 -19.80 -31.91 31.25
CA GLN B 105 -19.92 -30.48 31.52
C GLN B 105 -20.70 -29.78 30.46
N HIS B 106 -20.39 -30.08 29.23
CA HIS B 106 -21.19 -29.56 28.09
C HIS B 106 -22.67 -29.88 28.20
N LYS B 107 -22.97 -31.13 28.51
CA LYS B 107 -24.37 -31.60 28.61
C LYS B 107 -25.11 -30.85 29.72
N ALA B 108 -24.40 -30.55 30.81
CA ALA B 108 -24.95 -29.74 31.90
C ALA B 108 -25.42 -28.37 31.41
N VAL B 109 -24.58 -27.74 30.59
CA VAL B 109 -24.83 -26.41 30.07
C VAL B 109 -25.99 -26.49 29.09
N VAL B 110 -26.01 -27.52 28.24
CA VAL B 110 -27.13 -27.72 27.31
C VAL B 110 -28.46 -27.79 28.07
N LYS B 111 -28.51 -28.57 29.15
CA LYS B 111 -29.70 -28.68 29.99
C LYS B 111 -30.08 -27.35 30.65
N GLU B 112 -29.10 -26.62 31.22
CA GLU B 112 -29.33 -25.29 31.82
C GLU B 112 -29.98 -24.35 30.82
N LEU B 113 -29.36 -24.24 29.64
CA LEU B 113 -29.85 -23.39 28.59
C LEU B 113 -31.24 -23.83 28.11
N TRP B 114 -31.41 -25.15 27.85
CA TRP B 114 -32.72 -25.67 27.45
C TRP B 114 -33.78 -25.22 28.44
N THR B 115 -33.53 -25.48 29.72
CA THR B 115 -34.45 -25.13 30.79
C THR B 115 -34.77 -23.63 30.81
N LYS B 116 -33.75 -22.79 30.64
CA LYS B 116 -33.95 -21.34 30.62
C LYS B 116 -34.92 -20.96 29.51
N LEU B 117 -34.68 -21.48 28.31
CA LEU B 117 -35.56 -21.20 27.17
C LEU B 117 -36.99 -21.65 27.40
N GLU B 118 -37.13 -22.82 28.03
CA GLU B 118 -38.44 -23.36 28.39
C GLU B 118 -39.17 -22.47 29.39
N GLN B 119 -38.49 -22.06 30.45
CA GLN B 119 -39.05 -21.12 31.45
C GLN B 119 -39.50 -19.76 30.89
N LYS B 120 -38.81 -19.26 29.86
CA LYS B 120 -39.19 -18.00 29.19
C LYS B 120 -40.35 -18.16 28.22
N GLY B 121 -40.95 -19.37 28.15
CA GLY B 121 -42.03 -19.67 27.19
C GLY B 121 -41.59 -19.70 25.73
N ASP B 122 -40.29 -19.86 25.48
CA ASP B 122 -39.74 -19.82 24.12
C ASP B 122 -39.54 -21.21 23.50
N ILE B 123 -39.63 -22.28 24.31
CA ILE B 123 -39.78 -23.64 23.80
C ILE B 123 -41.05 -24.12 24.33
N TYR B 124 -41.89 -24.60 23.42
CA TYR B 124 -43.10 -25.21 23.82
C TYR B 124 -43.15 -26.61 23.25
N LEU B 125 -43.98 -27.42 23.89
CA LEU B 125 -44.22 -28.78 23.48
C LEU B 125 -45.48 -28.85 22.64
N GLY B 126 -45.41 -29.53 21.51
CA GLY B 126 -46.57 -29.64 20.64
C GLY B 126 -46.58 -30.93 19.88
N ARG B 127 -47.76 -31.27 19.36
CA ARG B 127 -47.96 -32.46 18.58
C ARG B 127 -47.84 -32.06 17.12
N TYR B 128 -46.98 -32.75 16.37
CA TYR B 128 -46.88 -32.53 14.94
C TYR B 128 -47.49 -33.73 14.27
N GLU B 129 -48.36 -33.45 13.31
CA GLU B 129 -49.13 -34.43 12.56
C GLU B 129 -48.88 -34.10 11.06
N GLY B 130 -47.97 -34.82 10.41
CA GLY B 130 -47.60 -34.49 9.02
C GLY B 130 -46.57 -35.44 8.46
N TRP B 131 -45.97 -35.10 7.31
CA TRP B 131 -44.97 -35.99 6.69
C TRP B 131 -43.60 -35.77 7.30
N TYR B 132 -42.76 -36.79 7.24
CA TYR B 132 -41.43 -36.76 7.84
C TYR B 132 -40.52 -37.74 7.11
N SER B 133 -39.36 -37.26 6.68
CA SER B 133 -38.31 -38.12 6.12
C SER B 133 -37.34 -38.45 7.25
N ILE B 134 -37.28 -39.73 7.62
CA ILE B 134 -36.35 -40.20 8.65
C ILE B 134 -34.90 -40.09 8.16
N SER B 135 -34.69 -40.30 6.86
CA SER B 135 -33.34 -40.18 6.25
C SER B 135 -32.76 -38.76 6.28
N ASP B 136 -33.61 -37.76 6.05
CA ASP B 136 -33.20 -36.36 6.10
C ASP B 136 -33.40 -35.75 7.49
N GLU B 137 -34.10 -36.46 8.38
CA GLU B 137 -34.53 -35.97 9.71
C GLU B 137 -35.29 -34.63 9.61
N SER B 138 -36.14 -34.55 8.59
CA SER B 138 -36.74 -33.31 8.12
C SER B 138 -38.26 -33.43 8.11
N PHE B 139 -38.94 -32.40 8.62
CA PHE B 139 -40.40 -32.28 8.47
C PHE B 139 -40.74 -31.73 7.07
N LEU B 140 -41.74 -32.30 6.42
CA LEU B 140 -42.12 -31.89 5.06
C LEU B 140 -43.61 -31.62 4.98
N THR B 141 -44.00 -30.56 4.25
CA THR B 141 -45.40 -30.28 3.93
C THR B 141 -45.83 -31.16 2.74
N PRO B 142 -47.16 -31.30 2.50
CA PRO B 142 -47.59 -32.22 1.41
C PRO B 142 -47.08 -31.85 0.02
N GLN B 143 -46.86 -30.56 -0.24
CA GLN B 143 -46.32 -30.09 -1.53
C GLN B 143 -44.86 -30.50 -1.82
N ASN B 144 -44.10 -30.89 -0.79
CA ASN B 144 -42.75 -31.45 -1.00
C ASN B 144 -42.74 -33.00 -1.06
N ILE B 145 -43.87 -33.62 -1.42
CA ILE B 145 -43.99 -35.08 -1.55
C ILE B 145 -44.56 -35.52 -2.90
N THR B 146 -44.21 -36.74 -3.32
CA THR B 146 -44.69 -37.37 -4.57
C THR B 146 -44.68 -38.90 -4.41
N ASP B 147 -45.15 -39.63 -5.42
CA ASP B 147 -45.18 -41.11 -5.36
C ASP B 147 -43.83 -41.73 -5.76
N GLY B 148 -43.57 -42.95 -5.30
CA GLY B 148 -42.31 -43.65 -5.60
C GLY B 148 -42.24 -45.06 -5.03
N CYS B 156 -45.15 -46.35 -2.25
CA CYS B 156 -45.04 -45.43 -1.11
C CYS B 156 -44.86 -43.98 -1.54
N LYS B 157 -44.85 -43.07 -0.57
CA LYS B 157 -44.58 -41.66 -0.79
C LYS B 157 -43.10 -41.35 -0.53
N VAL B 158 -42.59 -40.35 -1.24
CA VAL B 158 -41.17 -39.95 -1.15
C VAL B 158 -41.00 -38.43 -1.14
N SER B 159 -39.83 -37.99 -0.70
CA SER B 159 -39.48 -36.57 -0.62
C SER B 159 -39.19 -36.05 -2.02
N LEU B 160 -39.77 -34.90 -2.37
CA LEU B 160 -39.43 -34.22 -3.63
C LEU B 160 -38.00 -33.69 -3.59
N GLU B 161 -37.51 -33.28 -2.42
CA GLU B 161 -36.11 -32.83 -2.34
C GLU B 161 -35.07 -33.94 -2.48
N SER B 162 -35.29 -35.09 -1.83
CA SER B 162 -34.24 -36.15 -1.75
C SER B 162 -34.63 -37.53 -2.29
N GLY B 163 -35.90 -37.77 -2.62
CA GLY B 163 -36.36 -39.10 -3.05
C GLY B 163 -36.30 -40.21 -2.01
N HIS B 164 -36.07 -39.87 -0.74
CA HIS B 164 -36.09 -40.86 0.35
C HIS B 164 -37.55 -41.07 0.80
N VAL B 165 -37.79 -42.18 1.47
CA VAL B 165 -39.15 -42.56 1.87
C VAL B 165 -39.62 -41.66 3.02
N VAL B 166 -40.86 -41.16 2.91
CA VAL B 166 -41.50 -40.41 3.99
C VAL B 166 -42.55 -41.27 4.68
N THR B 167 -42.99 -40.81 5.83
CA THR B 167 -44.03 -41.48 6.60
C THR B 167 -44.87 -40.44 7.30
N TRP B 168 -46.16 -40.74 7.48
CA TRP B 168 -47.03 -39.92 8.30
C TRP B 168 -46.65 -40.18 9.75
N VAL B 169 -46.57 -39.11 10.53
CA VAL B 169 -46.22 -39.22 11.95
C VAL B 169 -47.22 -38.41 12.74
N SER B 170 -47.51 -38.91 13.93
CA SER B 170 -48.18 -38.13 14.95
C SER B 170 -47.31 -38.28 16.20
N GLU B 171 -46.40 -37.32 16.42
CA GLU B 171 -45.42 -37.37 17.53
C GLU B 171 -45.19 -36.00 18.18
N GLU B 172 -45.06 -35.99 19.50
CA GLU B 172 -44.79 -34.76 20.25
C GLU B 172 -43.37 -34.27 20.02
N ASN B 173 -43.22 -33.03 19.56
CA ASN B 173 -41.92 -32.41 19.35
C ASN B 173 -41.84 -31.09 20.07
N TYR B 174 -40.63 -30.74 20.52
CA TYR B 174 -40.33 -29.44 21.10
C TYR B 174 -39.89 -28.40 20.02
N MET B 175 -40.60 -27.27 20.01
CA MET B 175 -40.37 -26.19 19.05
C MET B 175 -39.86 -24.97 19.78
N PHE B 176 -38.87 -24.30 19.18
CA PHE B 176 -38.38 -22.99 19.64
C PHE B 176 -39.07 -21.89 18.83
N ARG B 177 -39.50 -20.82 19.52
CA ARG B 177 -40.33 -19.75 18.92
C ARG B 177 -39.46 -18.73 18.20
N LEU B 178 -38.76 -19.18 17.17
CA LEU B 178 -37.86 -18.34 16.39
C LEU B 178 -38.58 -17.16 15.73
N SER B 179 -39.83 -17.37 15.30
CA SER B 179 -40.64 -16.33 14.66
C SER B 179 -40.79 -15.06 15.50
N ALA B 180 -40.82 -15.23 16.82
CA ALA B 180 -40.91 -14.10 17.74
C ALA B 180 -39.63 -13.28 17.87
N PHE B 181 -38.54 -13.68 17.20
CA PHE B 181 -37.25 -12.99 17.28
C PHE B 181 -36.84 -12.24 16.01
N ARG B 182 -37.68 -12.25 14.98
CA ARG B 182 -37.43 -11.53 13.74
C ARG B 182 -37.11 -10.03 13.90
N GLU B 183 -37.94 -9.28 14.61
CA GLU B 183 -37.70 -7.82 14.79
C GLU B 183 -36.39 -7.61 15.58
N ARG B 184 -36.19 -8.36 16.67
CA ARG B 184 -34.98 -8.17 17.47
C ARG B 184 -33.68 -8.53 16.72
N LEU B 185 -33.76 -9.52 15.82
CA LEU B 185 -32.60 -9.91 14.99
C LEU B 185 -32.26 -8.83 13.99
N LEU B 186 -33.28 -8.33 13.32
CA LEU B 186 -33.11 -7.22 12.38
C LEU B 186 -32.57 -5.96 13.07
N GLU B 187 -33.05 -5.63 14.29
CA GLU B 187 -32.44 -4.53 15.09
C GLU B 187 -30.96 -4.80 15.31
N TRP B 188 -30.62 -6.03 15.67
CA TRP B 188 -29.24 -6.40 15.91
C TRP B 188 -28.34 -6.23 14.68
N TYR B 189 -28.81 -6.70 13.53
CA TYR B 189 -28.02 -6.57 12.28
C TYR B 189 -27.76 -5.10 11.91
N HIS B 190 -28.78 -4.25 12.03
CA HIS B 190 -28.70 -2.82 11.65
C HIS B 190 -27.88 -2.03 12.66
N ALA B 191 -28.06 -2.31 13.94
CA ALA B 191 -27.25 -1.67 14.99
C ALA B 191 -25.75 -2.01 14.96
N ASN B 192 -25.37 -3.16 14.42
CA ASN B 192 -23.98 -3.60 14.45
C ASN B 192 -23.62 -4.07 13.04
N PRO B 193 -23.50 -3.12 12.10
CA PRO B 193 -23.30 -3.43 10.69
C PRO B 193 -22.02 -4.19 10.31
N GLY B 194 -21.08 -4.35 11.23
CA GLY B 194 -19.94 -5.26 11.02
C GLY B 194 -20.04 -6.61 11.73
N CYS B 195 -21.22 -6.97 12.22
CA CYS B 195 -21.35 -8.19 13.00
C CYS B 195 -21.27 -9.45 12.14
N ILE B 196 -21.56 -9.34 10.84
CA ILE B 196 -21.39 -10.46 9.91
C ILE B 196 -20.47 -10.06 8.76
N VAL B 197 -19.40 -10.82 8.59
CA VAL B 197 -18.38 -10.55 7.58
C VAL B 197 -18.27 -11.80 6.68
N PRO B 198 -18.08 -11.64 5.38
CA PRO B 198 -18.07 -10.36 4.69
C PRO B 198 -19.47 -9.79 4.47
N GLU B 199 -19.48 -8.53 4.05
CA GLU B 199 -20.70 -7.72 3.98
C GLU B 199 -21.80 -8.30 3.09
N PHE B 200 -21.45 -8.97 2.00
CA PHE B 200 -22.49 -9.56 1.13
C PHE B 200 -23.23 -10.74 1.80
N ARG B 201 -22.56 -11.44 2.72
CA ARG B 201 -23.20 -12.48 3.51
C ARG B 201 -24.08 -11.87 4.59
N ARG B 202 -23.68 -10.73 5.12
CA ARG B 202 -24.53 -9.98 6.03
C ARG B 202 -25.83 -9.59 5.32
N ARG B 203 -25.72 -9.14 4.07
CA ARG B 203 -26.91 -8.79 3.27
C ARG B 203 -27.80 -10.02 3.01
N GLU B 204 -27.19 -11.18 2.71
CA GLU B 204 -27.93 -12.45 2.57
C GLU B 204 -28.76 -12.76 3.82
N VAL B 205 -28.12 -12.68 4.98
CA VAL B 205 -28.79 -13.00 6.23
C VAL B 205 -29.99 -12.07 6.42
N ILE B 206 -29.79 -10.78 6.23
CA ILE B 206 -30.82 -9.80 6.51
C ILE B 206 -32.00 -10.01 5.60
N ARG B 207 -31.75 -10.30 4.32
CA ARG B 207 -32.83 -10.57 3.36
C ARG B 207 -33.69 -11.72 3.86
N ALA B 208 -33.03 -12.81 4.22
CA ALA B 208 -33.71 -14.03 4.70
C ALA B 208 -34.60 -13.80 5.90
N VAL B 209 -34.10 -13.07 6.89
CA VAL B 209 -34.85 -12.75 8.10
C VAL B 209 -35.98 -11.76 7.80
N GLU B 210 -35.75 -10.84 6.87
CA GLU B 210 -36.82 -9.96 6.36
C GLU B 210 -38.00 -10.75 5.73
N LYS B 211 -37.70 -11.80 4.96
CA LYS B 211 -38.75 -12.65 4.33
C LYS B 211 -39.73 -13.28 5.35
N GLY B 212 -39.24 -13.58 6.55
CA GLY B 212 -40.06 -14.14 7.65
C GLY B 212 -39.36 -15.35 8.23
N LEU B 213 -39.64 -15.65 9.50
CA LEU B 213 -39.00 -16.77 10.21
C LEU B 213 -40.01 -17.79 10.74
N PRO B 214 -39.88 -19.06 10.32
CA PRO B 214 -40.67 -20.11 10.96
C PRO B 214 -40.12 -20.45 12.34
N ASP B 215 -40.96 -21.04 13.20
CA ASP B 215 -40.45 -21.66 14.43
C ASP B 215 -39.54 -22.85 14.09
N LEU B 216 -38.62 -23.16 15.00
CA LEU B 216 -37.58 -24.14 14.76
C LEU B 216 -37.73 -25.34 15.67
N SER B 217 -37.72 -26.52 15.06
CA SER B 217 -37.77 -27.78 15.79
C SER B 217 -36.45 -28.09 16.50
N VAL B 218 -36.49 -28.18 17.82
CA VAL B 218 -35.24 -28.37 18.62
C VAL B 218 -35.14 -29.74 19.33
N SER B 219 -36.10 -30.63 19.14
CA SER B 219 -36.00 -32.04 19.66
C SER B 219 -36.31 -33.09 18.62
N ARG B 220 -35.83 -34.31 18.85
CA ARG B 220 -36.26 -35.49 18.11
C ARG B 220 -36.60 -36.62 19.06
N ALA B 221 -37.46 -37.53 18.62
CA ALA B 221 -37.78 -38.75 19.38
C ALA B 221 -36.51 -39.61 19.52
N ARG B 222 -36.27 -40.14 20.71
CA ARG B 222 -35.01 -40.87 21.01
C ARG B 222 -34.76 -42.10 20.12
N ALA B 223 -35.83 -42.77 19.70
CA ALA B 223 -35.71 -43.89 18.77
C ALA B 223 -34.99 -43.47 17.47
N THR B 224 -35.43 -42.35 16.87
CA THR B 224 -34.91 -41.89 15.56
C THR B 224 -33.43 -41.53 15.61
N LEU B 225 -32.89 -41.20 16.79
CA LEU B 225 -31.45 -40.91 16.99
C LEU B 225 -30.58 -42.09 17.49
N HIS B 226 -31.16 -43.29 17.53
CA HIS B 226 -30.49 -44.47 18.08
C HIS B 226 -29.98 -44.21 19.48
N ASN B 227 -30.76 -43.43 20.21
CA ASN B 227 -30.45 -43.02 21.56
C ASN B 227 -29.08 -42.37 21.76
N TRP B 228 -28.53 -41.75 20.73
CA TRP B 228 -27.20 -41.20 20.82
C TRP B 228 -27.29 -39.65 20.75
N ALA B 229 -27.61 -39.06 21.90
CA ALA B 229 -27.98 -37.64 21.99
C ALA B 229 -28.25 -37.25 23.45
N ILE B 230 -28.38 -35.95 23.70
CA ILE B 230 -28.66 -35.47 25.05
C ILE B 230 -30.18 -35.55 25.30
N PRO B 231 -30.61 -36.15 26.43
CA PRO B 231 -32.04 -36.19 26.71
C PRO B 231 -32.60 -34.82 27.05
N VAL B 232 -33.83 -34.57 26.64
CA VAL B 232 -34.54 -33.36 27.03
C VAL B 232 -34.77 -33.39 28.56
N PRO B 233 -34.42 -32.31 29.29
CA PRO B 233 -34.75 -32.18 30.72
C PRO B 233 -36.23 -32.44 31.04
N GLY B 234 -36.47 -33.41 31.93
CA GLY B 234 -37.81 -33.79 32.32
C GLY B 234 -38.64 -34.49 31.27
N ASN B 235 -38.03 -34.99 30.20
CA ASN B 235 -38.75 -35.78 29.20
C ASN B 235 -37.78 -36.70 28.43
N PRO B 236 -37.45 -37.86 29.04
CA PRO B 236 -36.48 -38.78 28.45
C PRO B 236 -36.89 -39.50 27.16
N ASP B 237 -38.15 -39.40 26.71
CA ASP B 237 -38.53 -39.88 25.37
C ASP B 237 -37.99 -39.03 24.21
N HIS B 238 -37.53 -37.82 24.51
CA HIS B 238 -36.98 -36.88 23.52
C HIS B 238 -35.55 -36.49 23.80
N CYS B 239 -34.85 -36.26 22.71
CA CYS B 239 -33.46 -35.92 22.71
C CYS B 239 -33.34 -34.51 22.12
N VAL B 240 -32.37 -33.76 22.61
CA VAL B 240 -32.09 -32.40 22.14
C VAL B 240 -31.46 -32.47 20.76
N TYR B 241 -32.02 -31.77 19.81
CA TYR B 241 -31.52 -31.88 18.48
C TYR B 241 -30.24 -31.11 18.27
N VAL B 242 -29.82 -31.03 17.04
CA VAL B 242 -28.55 -30.44 16.72
C VAL B 242 -28.27 -29.01 17.13
N TRP B 243 -29.23 -28.14 17.00
CA TRP B 243 -29.02 -26.73 17.29
C TRP B 243 -28.67 -26.33 18.71
N LEU B 244 -29.42 -26.79 19.68
CA LEU B 244 -29.12 -26.47 21.06
C LEU B 244 -27.93 -27.28 21.57
N ASP B 245 -27.59 -28.39 20.93
CA ASP B 245 -26.42 -29.13 21.41
C ASP B 245 -25.12 -28.53 20.91
N ALA B 246 -24.98 -28.45 19.58
CA ALA B 246 -23.71 -28.03 18.97
C ALA B 246 -23.40 -26.57 19.21
N LEU B 247 -24.34 -25.69 18.88
CA LEU B 247 -24.13 -24.25 19.07
C LEU B 247 -23.75 -23.91 20.52
N THR B 248 -24.31 -24.65 21.46
CA THR B 248 -24.03 -24.40 22.87
C THR B 248 -22.57 -24.65 23.29
N ASN B 249 -21.78 -25.33 22.46
CA ASN B 249 -20.37 -25.57 22.78
C ASN B 249 -19.62 -24.28 23.09
N TYR B 250 -20.02 -23.19 22.43
CA TYR B 250 -19.37 -21.90 22.60
C TYR B 250 -19.58 -21.35 24.01
N LEU B 251 -20.80 -21.53 24.51
CA LEU B 251 -21.13 -21.17 25.90
C LEU B 251 -20.38 -22.04 26.91
N THR B 252 -20.47 -23.36 26.73
CA THR B 252 -19.72 -24.30 27.56
C THR B 252 -18.25 -23.93 27.64
N GLY B 253 -17.63 -23.72 26.47
CA GLY B 253 -16.21 -23.39 26.40
C GLY B 253 -15.85 -22.16 27.21
N SER B 254 -16.75 -21.18 27.18
CA SER B 254 -16.55 -19.91 27.89
C SER B 254 -16.60 -20.03 29.40
N ARG B 255 -17.04 -21.20 29.87
CA ARG B 255 -17.20 -21.48 31.29
C ARG B 255 -16.27 -22.57 31.87
N LEU B 256 -15.42 -23.18 31.05
CA LEU B 256 -14.49 -24.21 31.53
C LEU B 256 -13.15 -23.61 31.94
N ARG B 257 -12.77 -23.77 33.21
CA ARG B 257 -11.36 -23.61 33.63
C ARG B 257 -10.54 -24.77 33.07
N VAL B 258 -9.35 -24.48 32.58
CA VAL B 258 -8.54 -25.47 31.85
C VAL B 258 -7.13 -25.46 32.42
N ASP B 259 -6.55 -26.64 32.67
CA ASP B 259 -5.19 -26.75 33.26
C ASP B 259 -4.06 -26.61 32.24
N GLU B 260 -2.82 -26.50 32.73
CA GLU B 260 -1.60 -26.35 31.92
C GLU B 260 -1.45 -27.38 30.75
N SER B 261 -2.09 -28.56 30.83
CA SER B 261 -2.06 -29.57 29.74
C SER B 261 -3.37 -29.72 28.92
N GLY B 262 -4.35 -28.83 29.13
CA GLY B 262 -5.54 -28.77 28.29
C GLY B 262 -6.75 -29.63 28.67
N LYS B 263 -6.78 -30.13 29.89
CA LYS B 263 -7.92 -30.88 30.36
C LYS B 263 -8.87 -29.98 31.14
N GLU B 264 -10.17 -30.13 30.97
CA GLU B 264 -11.12 -29.30 31.71
C GLU B 264 -11.10 -29.73 33.15
N VAL B 265 -11.13 -28.77 34.03
CA VAL B 265 -11.01 -29.05 35.47
C VAL B 265 -12.26 -28.65 36.27
N SER B 266 -13.08 -27.76 35.72
CA SER B 266 -14.13 -27.11 36.52
C SER B 266 -15.03 -26.33 35.56
N LEU B 267 -16.33 -26.31 35.85
CA LEU B 267 -17.29 -25.57 35.04
C LEU B 267 -17.91 -24.50 35.91
N VAL B 268 -17.58 -23.24 35.69
CA VAL B 268 -18.11 -22.16 36.52
C VAL B 268 -19.58 -21.89 36.24
N ASP B 269 -20.30 -21.40 37.25
CA ASP B 269 -21.73 -21.05 37.17
C ASP B 269 -21.98 -19.84 36.28
N ASP B 270 -21.21 -18.78 36.53
CA ASP B 270 -21.40 -17.50 35.85
C ASP B 270 -20.31 -17.33 34.77
N PHE B 271 -20.73 -17.19 33.51
CA PHE B 271 -19.78 -16.98 32.41
C PHE B 271 -18.85 -15.77 32.61
N ASN B 272 -19.37 -14.70 33.23
CA ASN B 272 -18.55 -13.52 33.57
C ASN B 272 -17.28 -13.80 34.40
N GLU B 273 -17.26 -14.90 35.16
CA GLU B 273 -16.09 -15.27 35.93
C GLU B 273 -14.81 -15.35 35.07
N LEU B 274 -14.91 -15.93 33.88
CA LEU B 274 -13.74 -16.10 33.01
C LEU B 274 -13.60 -15.05 31.93
N GLU B 275 -14.53 -14.09 31.86
CA GLU B 275 -14.44 -12.93 30.97
C GLU B 275 -14.25 -13.31 29.47
N ARG B 276 -14.86 -14.42 29.04
CA ARG B 276 -14.74 -14.92 27.67
C ARG B 276 -15.98 -14.70 26.85
N PHE B 277 -17.14 -15.10 27.38
CA PHE B 277 -18.39 -14.95 26.65
C PHE B 277 -18.78 -13.47 26.59
N PRO B 278 -19.36 -13.02 25.47
CA PRO B 278 -19.58 -13.77 24.24
C PRO B 278 -18.35 -13.77 23.34
N ALA B 279 -18.38 -14.59 22.28
CA ALA B 279 -17.27 -14.66 21.35
C ALA B 279 -17.01 -13.32 20.69
N ASP B 280 -15.75 -12.97 20.58
CA ASP B 280 -15.35 -11.81 19.80
C ASP B 280 -15.39 -12.13 18.31
N VAL B 281 -15.00 -13.35 17.95
CA VAL B 281 -15.08 -13.83 16.58
C VAL B 281 -15.53 -15.29 16.56
N HIS B 282 -16.59 -15.58 15.81
CA HIS B 282 -16.90 -16.95 15.42
C HIS B 282 -16.42 -17.16 14.00
N VAL B 283 -15.44 -18.04 13.80
CA VAL B 283 -15.02 -18.42 12.46
C VAL B 283 -15.90 -19.57 11.98
N ILE B 284 -16.52 -19.42 10.81
CA ILE B 284 -17.35 -20.50 10.23
C ILE B 284 -17.21 -20.59 8.72
N GLY B 285 -17.60 -21.74 8.17
CA GLY B 285 -17.78 -21.90 6.72
C GLY B 285 -19.11 -21.29 6.31
N LYS B 286 -19.24 -20.96 5.03
CA LYS B 286 -20.47 -20.37 4.51
C LYS B 286 -21.71 -21.26 4.68
N ASP B 287 -21.52 -22.59 4.74
CA ASP B 287 -22.67 -23.51 4.82
C ASP B 287 -23.36 -23.60 6.17
N ILE B 288 -22.82 -22.97 7.21
CA ILE B 288 -23.48 -22.96 8.50
C ILE B 288 -23.80 -21.54 8.99
N LEU B 289 -23.91 -20.60 8.04
CA LEU B 289 -24.16 -19.20 8.34
C LEU B 289 -25.48 -18.98 9.06
N LYS B 290 -26.55 -19.59 8.56
CA LYS B 290 -27.87 -19.33 9.10
C LYS B 290 -28.00 -19.80 10.56
N PHE B 291 -27.32 -20.88 10.89
CA PHE B 291 -27.34 -21.41 12.27
C PHE B 291 -26.68 -20.46 13.25
N HIS B 292 -25.61 -19.81 12.78
CA HIS B 292 -24.82 -18.88 13.59
C HIS B 292 -25.35 -17.43 13.63
N ALA B 293 -26.02 -17.00 12.57
CA ALA B 293 -26.47 -15.61 12.46
C ALA B 293 -27.94 -15.43 12.75
N ILE B 294 -28.72 -16.51 12.70
CA ILE B 294 -30.17 -16.47 12.94
C ILE B 294 -30.50 -17.24 14.22
N TYR B 295 -30.25 -18.56 14.24
CA TYR B 295 -30.66 -19.40 15.38
C TYR B 295 -29.91 -19.03 16.67
N TRP B 296 -28.59 -19.10 16.59
CA TRP B 296 -27.70 -18.86 17.73
C TRP B 296 -28.02 -17.55 18.45
N PRO B 297 -28.09 -16.42 17.73
CA PRO B 297 -28.50 -15.20 18.44
C PRO B 297 -29.95 -15.22 19.03
N ALA B 298 -30.86 -15.92 18.38
CA ALA B 298 -32.22 -16.01 18.86
C ALA B 298 -32.26 -16.74 20.21
N PHE B 299 -31.48 -17.82 20.32
CA PHE B 299 -31.33 -18.54 21.59
C PHE B 299 -30.76 -17.63 22.67
N LEU B 300 -29.75 -16.85 22.29
CA LEU B 300 -29.06 -15.97 23.23
C LEU B 300 -29.98 -14.82 23.67
N LEU B 301 -30.73 -14.25 22.73
CA LEU B 301 -31.75 -13.25 23.08
C LEU B 301 -32.82 -13.80 24.03
N SER B 302 -33.31 -15.01 23.74
CA SER B 302 -34.28 -15.70 24.58
C SER B 302 -33.76 -15.86 26.01
N ALA B 303 -32.50 -16.26 26.16
CA ALA B 303 -31.93 -16.54 27.47
C ALA B 303 -31.36 -15.30 28.17
N GLY B 304 -31.46 -14.13 27.54
CA GLY B 304 -30.87 -12.91 28.07
C GLY B 304 -29.35 -12.91 28.15
N LEU B 305 -28.71 -13.61 27.23
CA LEU B 305 -27.25 -13.71 27.15
C LEU B 305 -26.73 -12.73 26.09
N PRO B 306 -25.50 -12.21 26.26
CA PRO B 306 -24.92 -11.30 25.26
C PRO B 306 -24.64 -11.97 23.92
N LEU B 307 -24.69 -11.16 22.87
CA LEU B 307 -24.50 -11.67 21.50
C LEU B 307 -23.05 -11.57 21.08
N PRO B 308 -22.61 -12.46 20.18
CA PRO B 308 -21.25 -12.38 19.70
C PRO B 308 -21.02 -11.09 18.94
N LYS B 309 -19.77 -10.66 18.87
CA LYS B 309 -19.41 -9.40 18.22
C LYS B 309 -19.34 -9.55 16.71
N LYS B 310 -18.69 -10.62 16.25
CA LYS B 310 -18.48 -10.89 14.83
C LYS B 310 -18.64 -12.36 14.48
N ILE B 311 -19.26 -12.61 13.33
CA ILE B 311 -19.29 -13.92 12.71
C ILE B 311 -18.62 -13.76 11.34
N VAL B 312 -17.52 -14.47 11.12
CA VAL B 312 -16.80 -14.39 9.86
C VAL B 312 -17.03 -15.71 9.15
N ALA B 313 -17.54 -15.64 7.94
CA ALA B 313 -17.91 -16.82 7.17
C ALA B 313 -17.06 -16.87 5.91
N HIS B 314 -16.21 -17.90 5.80
CA HIS B 314 -15.29 -18.03 4.68
C HIS B 314 -15.89 -18.91 3.56
N GLY B 315 -15.11 -19.14 2.49
CA GLY B 315 -15.48 -20.00 1.35
C GLY B 315 -15.06 -21.48 1.41
N TRP B 316 -15.47 -22.27 0.41
CA TRP B 316 -14.85 -23.60 0.12
C TRP B 316 -13.59 -23.54 -0.76
N TRP B 317 -12.86 -24.65 -0.79
CA TRP B 317 -11.68 -24.84 -1.66
C TRP B 317 -11.89 -25.87 -2.76
N THR B 318 -11.45 -25.55 -3.98
CA THR B 318 -11.25 -26.54 -5.05
C THR B 318 -9.74 -26.88 -5.13
N LYS B 319 -9.38 -27.79 -6.03
CA LYS B 319 -7.96 -28.09 -6.33
C LYS B 319 -7.78 -28.39 -7.82
N ASP B 320 -6.91 -27.62 -8.48
CA ASP B 320 -6.76 -27.63 -9.95
C ASP B 320 -8.13 -27.45 -10.62
N ARG B 321 -8.90 -26.49 -10.08
CA ARG B 321 -10.26 -26.13 -10.54
C ARG B 321 -11.35 -27.23 -10.51
N LYS B 322 -11.02 -28.46 -10.10
CA LYS B 322 -12.00 -29.54 -9.95
C LYS B 322 -12.39 -29.68 -8.45
N LYS B 323 -13.58 -30.22 -8.20
CA LYS B 323 -14.07 -30.47 -6.83
C LYS B 323 -13.14 -31.46 -6.08
N ILE B 324 -12.84 -31.16 -4.81
CA ILE B 324 -12.04 -32.08 -3.98
C ILE B 324 -12.93 -33.27 -3.61
N SER B 325 -12.40 -34.48 -3.81
CA SER B 325 -13.13 -35.73 -3.62
C SER B 325 -12.14 -36.92 -3.63
N LYS B 326 -12.11 -37.74 -2.58
CA LYS B 326 -11.20 -38.91 -2.51
C LYS B 326 -11.59 -39.97 -3.56
N SER B 327 -12.90 -40.09 -3.81
CA SER B 327 -13.46 -41.06 -4.77
C SER B 327 -13.58 -40.57 -6.22
N LEU B 328 -13.69 -39.25 -6.44
CA LEU B 328 -13.63 -38.65 -7.80
C LEU B 328 -12.19 -38.23 -8.22
N GLY B 329 -11.16 -38.86 -7.65
CA GLY B 329 -9.76 -38.70 -8.09
C GLY B 329 -8.93 -37.61 -7.42
N ASN B 330 -9.56 -36.50 -7.03
CA ASN B 330 -8.86 -35.26 -6.73
C ASN B 330 -8.68 -35.04 -5.20
N VAL B 331 -7.52 -35.48 -4.69
CA VAL B 331 -7.19 -35.40 -3.24
C VAL B 331 -6.38 -34.14 -2.89
N PHE B 332 -6.64 -33.57 -1.70
CA PHE B 332 -5.83 -32.46 -1.15
C PHE B 332 -5.64 -32.68 0.35
N ASP B 333 -4.54 -33.35 0.71
CA ASP B 333 -4.18 -33.61 2.11
C ASP B 333 -3.26 -32.50 2.62
N PRO B 334 -3.71 -31.72 3.63
CA PRO B 334 -2.86 -30.66 4.16
C PRO B 334 -1.52 -31.12 4.75
N VAL B 335 -1.52 -32.22 5.51
CA VAL B 335 -0.30 -32.67 6.22
C VAL B 335 0.74 -33.13 5.20
N GLU B 336 0.29 -33.69 4.09
CA GLU B 336 1.16 -34.13 3.00
C GLU B 336 1.84 -32.92 2.34
N LYS B 337 1.04 -31.93 1.97
CA LYS B 337 1.57 -30.70 1.35
C LYS B 337 2.47 -29.90 2.29
N ALA B 338 2.13 -29.89 3.58
CA ALA B 338 2.98 -29.25 4.57
C ALA B 338 4.32 -29.97 4.70
N GLU B 339 4.31 -31.30 4.61
CA GLU B 339 5.56 -32.09 4.63
C GLU B 339 6.40 -31.85 3.36
N GLU B 340 5.75 -31.52 2.25
CA GLU B 340 6.44 -31.25 0.99
C GLU B 340 6.95 -29.81 0.84
N PHE B 341 6.14 -28.81 1.20
CA PHE B 341 6.48 -27.37 1.03
C PHE B 341 6.81 -26.59 2.31
N GLY B 342 6.58 -27.19 3.48
CA GLY B 342 6.70 -26.49 4.77
C GLY B 342 5.33 -26.14 5.36
N TYR B 343 5.24 -26.15 6.68
CA TYR B 343 3.97 -25.88 7.37
C TYR B 343 3.56 -24.41 7.27
N ASP B 344 4.42 -23.51 7.77
CA ASP B 344 4.19 -22.07 7.69
C ASP B 344 3.92 -21.60 6.26
N ALA B 345 4.68 -22.13 5.31
CA ALA B 345 4.47 -21.81 3.90
C ALA B 345 3.08 -22.21 3.39
N LEU B 346 2.60 -23.38 3.79
CA LEU B 346 1.24 -23.82 3.42
C LEU B 346 0.18 -22.92 4.05
N LYS B 347 0.37 -22.59 5.32
CA LYS B 347 -0.55 -21.67 6.00
C LYS B 347 -0.58 -20.31 5.28
N TYR B 348 0.62 -19.80 4.98
CA TYR B 348 0.74 -18.57 4.21
C TYR B 348 -0.05 -18.64 2.92
N PHE B 349 0.08 -19.76 2.21
CA PHE B 349 -0.61 -19.91 0.94
C PHE B 349 -2.14 -19.94 1.02
N LEU B 350 -2.68 -20.70 1.98
CA LEU B 350 -4.12 -20.80 2.14
C LEU B 350 -4.73 -19.44 2.57
N LEU B 351 -3.99 -18.70 3.40
CA LEU B 351 -4.46 -17.41 3.89
C LEU B 351 -4.30 -16.27 2.85
N ARG B 352 -3.26 -16.37 2.02
CA ARG B 352 -2.98 -15.36 0.99
C ARG B 352 -3.79 -15.57 -0.27
N GLU B 353 -3.99 -16.82 -0.66
CA GLU B 353 -4.59 -17.12 -1.98
C GLU B 353 -6.09 -16.81 -2.05
N SER B 354 -6.78 -16.88 -0.92
CA SER B 354 -8.24 -16.80 -0.90
C SER B 354 -8.70 -15.77 0.12
N GLY B 355 -9.54 -14.86 -0.34
CA GLY B 355 -10.29 -14.02 0.58
C GLY B 355 -11.49 -14.79 1.11
N PHE B 356 -12.13 -14.27 2.15
CA PHE B 356 -13.28 -14.93 2.78
C PHE B 356 -14.54 -14.79 1.93
N SER B 357 -14.51 -13.89 0.96
CA SER B 357 -15.60 -13.81 -0.02
C SER B 357 -15.43 -14.82 -1.17
N ASP B 358 -14.27 -15.43 -1.26
CA ASP B 358 -13.98 -16.31 -2.38
C ASP B 358 -13.79 -17.77 -2.08
N ASP B 359 -14.11 -18.60 -3.05
CA ASP B 359 -13.88 -20.00 -2.89
C ASP B 359 -12.50 -20.14 -3.43
N GLY B 360 -11.57 -20.48 -2.56
CA GLY B 360 -10.17 -20.61 -2.89
C GLY B 360 -9.78 -21.77 -3.76
N ASP B 361 -8.62 -21.67 -4.39
CA ASP B 361 -8.14 -22.76 -5.29
C ASP B 361 -6.63 -23.10 -5.20
N TYR B 362 -6.32 -24.29 -4.69
CA TYR B 362 -4.94 -24.78 -4.61
C TYR B 362 -4.47 -25.44 -5.92
N SER B 363 -3.34 -24.98 -6.46
CA SER B 363 -2.47 -25.78 -7.35
C SER B 363 -1.02 -25.75 -6.87
N ASP B 364 -0.26 -26.79 -7.19
CA ASP B 364 1.19 -26.82 -6.97
C ASP B 364 1.94 -25.71 -7.70
N LYS B 365 1.47 -25.36 -8.90
CA LYS B 365 2.07 -24.30 -9.67
C LYS B 365 2.03 -22.97 -8.89
N ASN B 366 0.82 -22.58 -8.48
N ASN B 366 0.83 -22.54 -8.48
CA ASN B 366 0.55 -21.36 -7.73
CA ASN B 366 0.67 -21.25 -7.77
C ASN B 366 1.22 -21.32 -6.36
C ASN B 366 1.21 -21.30 -6.34
N MET B 367 1.20 -22.48 -5.70
CA MET B 367 1.90 -22.66 -4.43
C MET B 367 3.40 -22.40 -4.52
N ILE B 368 4.03 -22.93 -5.55
CA ILE B 368 5.44 -22.70 -5.82
C ILE B 368 5.69 -21.23 -6.24
N ALA B 369 4.79 -20.70 -7.05
CA ALA B 369 4.88 -19.29 -7.44
C ALA B 369 5.02 -18.38 -6.23
N ARG B 370 4.13 -18.56 -5.26
CA ARG B 370 4.11 -17.74 -4.04
C ARG B 370 5.23 -18.07 -3.07
N LEU B 371 5.59 -19.36 -2.97
CA LEU B 371 6.73 -19.75 -2.16
C LEU B 371 8.00 -19.04 -2.62
N ASN B 372 8.25 -19.08 -3.93
CA ASN B 372 9.46 -18.49 -4.50
C ASN B 372 9.37 -16.96 -4.57
N GLY B 373 8.28 -16.47 -5.14
CA GLY B 373 8.06 -15.05 -5.35
C GLY B 373 8.05 -14.24 -4.07
N GLU B 374 7.12 -14.56 -3.18
CA GLU B 374 6.85 -13.71 -2.02
C GLU B 374 7.71 -14.16 -0.82
N LEU B 375 7.69 -15.44 -0.47
CA LEU B 375 8.38 -15.90 0.75
C LEU B 375 9.90 -15.95 0.63
N ALA B 376 10.40 -16.49 -0.48
CA ALA B 376 11.85 -16.58 -0.73
C ALA B 376 12.46 -15.27 -1.21
N ASP B 377 11.99 -14.76 -2.34
CA ASP B 377 12.56 -13.56 -2.96
C ASP B 377 12.27 -12.27 -2.21
N THR B 378 11.07 -12.10 -1.66
CA THR B 378 10.72 -10.85 -0.99
C THR B 378 11.20 -10.90 0.47
N LEU B 379 10.68 -11.84 1.24
CA LEU B 379 10.93 -11.85 2.69
C LEU B 379 12.29 -12.45 3.01
N GLY B 380 12.50 -13.68 2.54
CA GLY B 380 13.73 -14.42 2.81
C GLY B 380 15.00 -13.72 2.40
N ASN B 381 15.08 -13.40 1.10
CA ASN B 381 16.17 -12.56 0.57
C ASN B 381 16.52 -11.37 1.50
N LEU B 382 15.49 -10.63 1.88
CA LEU B 382 15.66 -9.41 2.66
C LEU B 382 16.26 -9.66 4.04
N VAL B 383 15.88 -10.79 4.64
CA VAL B 383 16.39 -11.18 5.95
C VAL B 383 17.87 -11.51 5.84
N MET B 384 18.26 -12.16 4.74
CA MET B 384 19.66 -12.51 4.51
C MET B 384 20.52 -11.27 4.25
N ARG B 385 20.02 -10.34 3.43
CA ARG B 385 20.72 -9.06 3.15
C ARG B 385 21.09 -8.26 4.42
N CYS B 386 20.14 -8.05 5.33
CA CYS B 386 20.42 -7.20 6.50
C CYS B 386 21.24 -7.89 7.61
N THR B 387 21.37 -9.22 7.53
CA THR B 387 22.14 -10.00 8.48
C THR B 387 23.47 -10.52 7.97
N SER B 388 23.70 -10.52 6.65
CA SER B 388 24.94 -11.08 6.07
C SER B 388 26.19 -10.34 6.56
N ALA B 389 27.28 -11.07 6.69
CA ALA B 389 28.55 -10.50 7.19
C ALA B 389 29.24 -9.59 6.17
N LYS B 390 28.92 -9.75 4.88
CA LYS B 390 29.37 -8.82 3.82
C LYS B 390 28.89 -7.39 4.09
N ILE B 391 27.60 -7.25 4.43
CA ILE B 391 26.93 -5.94 4.57
C ILE B 391 26.90 -5.47 6.03
N ASN B 392 26.42 -6.32 6.91
CA ASN B 392 26.39 -6.03 8.35
C ASN B 392 27.68 -6.62 8.92
N VAL B 393 28.77 -5.86 8.83
CA VAL B 393 30.10 -6.38 9.20
C VAL B 393 30.26 -6.54 10.70
N ASN B 394 29.69 -5.64 11.51
CA ASN B 394 29.78 -5.77 12.96
C ASN B 394 28.80 -6.74 13.62
N GLY B 395 27.92 -7.37 12.84
CA GLY B 395 26.90 -8.30 13.36
C GLY B 395 26.03 -7.69 14.46
N GLU B 396 25.59 -6.46 14.24
CA GLU B 396 24.78 -5.74 15.23
C GLU B 396 23.82 -4.78 14.58
N TRP B 397 22.88 -4.28 15.36
CA TRP B 397 21.98 -3.21 14.96
C TRP B 397 22.74 -1.89 15.08
N PRO B 398 23.09 -1.27 13.94
CA PRO B 398 23.89 -0.05 14.04
C PRO B 398 23.03 1.14 14.43
N SER B 399 23.71 2.22 14.80
CA SER B 399 23.08 3.46 15.24
C SER B 399 22.88 4.38 14.02
N PRO B 400 21.65 4.81 13.73
CA PRO B 400 21.47 5.53 12.45
C PRO B 400 22.06 6.95 12.50
N ALA B 401 22.53 7.43 11.34
CA ALA B 401 22.92 8.85 11.16
C ALA B 401 21.67 9.68 10.84
N ALA B 402 21.83 10.83 10.19
CA ALA B 402 20.66 11.62 9.82
C ALA B 402 19.91 10.98 8.66
N TYR B 403 18.62 11.25 8.64
CA TYR B 403 17.67 10.65 7.72
C TYR B 403 17.38 11.56 6.52
N THR B 404 17.52 11.03 5.30
CA THR B 404 17.09 11.71 4.08
C THR B 404 15.58 11.63 3.97
N GLU B 405 15.00 12.38 3.04
CA GLU B 405 13.56 12.26 2.74
C GLU B 405 13.15 10.89 2.24
N GLU B 406 14.03 10.21 1.50
CA GLU B 406 13.75 8.83 1.07
C GLU B 406 13.74 7.85 2.26
N ASP B 407 14.69 8.01 3.17
CA ASP B 407 14.68 7.29 4.44
C ASP B 407 13.33 7.49 5.14
N GLU B 408 12.93 8.75 5.28
CA GLU B 408 11.73 9.09 5.99
C GLU B 408 10.48 8.51 5.33
N SER B 409 10.48 8.40 4.01
CA SER B 409 9.32 7.86 3.31
C SER B 409 9.11 6.40 3.66
N LEU B 410 10.21 5.66 3.79
CA LEU B 410 10.13 4.24 4.16
C LEU B 410 9.78 4.06 5.62
N ILE B 411 10.37 4.89 6.48
CA ILE B 411 10.04 4.91 7.91
C ILE B 411 8.56 5.18 8.16
N GLN B 412 8.01 6.11 7.40
CA GLN B 412 6.59 6.42 7.48
C GLN B 412 5.75 5.17 7.19
N LEU B 413 6.11 4.44 6.12
CA LEU B 413 5.40 3.22 5.76
C LEU B 413 5.43 2.20 6.91
N ILE B 414 6.59 2.08 7.55
CA ILE B 414 6.79 1.12 8.62
C ILE B 414 6.00 1.51 9.87
N LYS B 415 5.95 2.79 10.18
CA LYS B 415 5.13 3.28 11.30
C LYS B 415 3.64 3.12 11.08
N ASP B 416 3.18 3.30 9.85
CA ASP B 416 1.77 3.18 9.53
C ASP B 416 1.31 1.73 9.51
N LEU B 417 2.22 0.80 9.26
CA LEU B 417 1.86 -0.58 9.02
C LEU B 417 1.09 -1.27 10.15
N PRO B 418 1.54 -1.13 11.42
CA PRO B 418 0.82 -1.76 12.51
C PRO B 418 -0.63 -1.37 12.61
N GLY B 419 -0.96 -0.09 12.47
CA GLY B 419 -2.36 0.35 12.53
C GLY B 419 -3.24 -0.16 11.40
N THR B 420 -2.64 -0.22 10.20
CA THR B 420 -3.30 -0.72 9.00
C THR B 420 -3.60 -2.19 9.16
N ALA B 421 -2.57 -2.96 9.52
CA ALA B 421 -2.69 -4.39 9.69
C ALA B 421 -3.64 -4.73 10.84
N ASP B 422 -3.58 -3.95 11.92
CA ASP B 422 -4.50 -4.12 13.04
C ASP B 422 -5.94 -4.04 12.57
N HIS B 423 -6.29 -3.02 11.81
CA HIS B 423 -7.68 -2.93 11.29
C HIS B 423 -8.06 -4.14 10.45
N TYR B 424 -7.13 -4.62 9.63
CA TYR B 424 -7.40 -5.75 8.77
C TYR B 424 -7.64 -7.02 9.60
N TYR B 425 -6.74 -7.30 10.53
CA TYR B 425 -6.91 -8.44 11.46
C TYR B 425 -8.20 -8.36 12.25
N LEU B 426 -8.65 -7.16 12.61
CA LEU B 426 -9.90 -7.03 13.36
C LEU B 426 -11.16 -7.18 12.56
N ILE B 427 -11.12 -7.04 11.24
CA ILE B 427 -12.32 -7.14 10.39
C ILE B 427 -13.13 -8.43 10.58
N PRO B 428 -12.52 -9.62 10.49
CA PRO B 428 -11.10 -9.87 10.15
C PRO B 428 -10.94 -10.22 8.68
N ASP B 429 -9.92 -9.65 8.04
CA ASP B 429 -9.56 -9.97 6.65
C ASP B 429 -8.06 -10.25 6.63
N ILE B 430 -7.71 -11.53 6.76
CA ILE B 430 -6.32 -11.92 6.95
C ILE B 430 -5.53 -11.78 5.66
N GLN B 431 -6.20 -11.95 4.53
CA GLN B 431 -5.54 -11.77 3.25
C GLN B 431 -5.07 -10.32 3.08
N LYS B 432 -5.92 -9.37 3.43
CA LYS B 432 -5.57 -7.96 3.37
C LYS B 432 -4.44 -7.60 4.36
N ALA B 433 -4.44 -8.19 5.54
CA ALA B 433 -3.37 -7.96 6.50
C ALA B 433 -2.05 -8.42 5.89
N ILE B 434 -2.04 -9.58 5.27
CA ILE B 434 -0.79 -10.09 4.63
C ILE B 434 -0.32 -9.16 3.51
N ILE B 435 -1.25 -8.73 2.66
CA ILE B 435 -0.91 -7.90 1.51
C ILE B 435 -0.28 -6.59 1.97
N ALA B 436 -0.86 -5.99 3.00
CA ALA B 436 -0.34 -4.77 3.61
C ALA B 436 1.11 -4.91 4.10
N VAL B 437 1.39 -6.01 4.78
CA VAL B 437 2.74 -6.27 5.24
C VAL B 437 3.68 -6.42 4.07
N PHE B 438 3.28 -7.19 3.07
CA PHE B 438 4.14 -7.48 1.94
C PHE B 438 4.38 -6.24 1.07
N ASP B 439 3.38 -5.35 1.00
CA ASP B 439 3.59 -4.05 0.37
C ASP B 439 4.78 -3.36 1.01
N VAL B 440 4.83 -3.36 2.33
CA VAL B 440 5.96 -2.73 3.02
C VAL B 440 7.23 -3.52 2.76
N LEU B 441 7.16 -4.85 2.71
CA LEU B 441 8.34 -5.64 2.38
C LEU B 441 8.89 -5.31 0.98
N ARG B 442 8.00 -5.17 0.01
CA ARG B 442 8.40 -4.80 -1.34
C ARG B 442 9.08 -3.43 -1.31
N ALA B 443 8.51 -2.50 -0.56
CA ALA B 443 9.09 -1.15 -0.41
C ALA B 443 10.49 -1.18 0.19
N ILE B 444 10.68 -2.00 1.23
CA ILE B 444 11.97 -2.11 1.89
C ILE B 444 12.99 -2.67 0.90
N ASN B 445 12.60 -3.66 0.10
CA ASN B 445 13.49 -4.22 -0.92
C ASN B 445 13.91 -3.19 -1.98
N ALA B 446 12.93 -2.40 -2.42
CA ALA B 446 13.17 -1.29 -3.35
C ALA B 446 14.19 -0.32 -2.77
N TYR B 447 13.98 0.05 -1.51
CA TYR B 447 14.90 0.95 -0.80
C TYR B 447 16.33 0.41 -0.73
N VAL B 448 16.46 -0.89 -0.51
CA VAL B 448 17.77 -1.53 -0.38
C VAL B 448 18.47 -1.55 -1.73
N THR B 449 17.70 -1.85 -2.77
CA THR B 449 18.19 -1.77 -4.13
C THR B 449 18.67 -0.35 -4.48
N ASP B 450 17.87 0.65 -4.12
CA ASP B 450 18.20 2.06 -4.36
C ASP B 450 19.48 2.46 -3.65
N MET B 451 19.57 2.14 -2.34
CA MET B 451 20.72 2.54 -1.52
C MET B 451 21.94 1.67 -1.70
N ALA B 452 21.77 0.50 -2.34
CA ALA B 452 22.86 -0.44 -2.61
C ALA B 452 23.92 -0.58 -1.46
N PRO B 453 23.48 -1.00 -0.26
CA PRO B 453 24.36 -0.98 0.93
C PRO B 453 25.68 -1.79 0.81
N TRP B 454 25.69 -2.80 -0.07
CA TRP B 454 26.91 -3.55 -0.41
C TRP B 454 28.03 -2.65 -0.91
N LYS B 455 27.72 -1.68 -1.78
CA LYS B 455 28.69 -0.62 -2.16
C LYS B 455 29.08 0.30 -0.97
N LEU B 456 28.10 0.68 -0.14
CA LEU B 456 28.33 1.59 0.97
C LEU B 456 29.32 1.15 2.07
N VAL B 457 29.63 -0.15 2.18
CA VAL B 457 30.60 -0.62 3.18
C VAL B 457 31.99 -0.02 2.90
N LYS B 458 32.30 0.19 1.61
CA LYS B 458 33.55 0.85 1.18
C LYS B 458 33.42 2.38 1.13
N THR B 459 32.47 2.89 0.34
CA THR B 459 32.35 4.33 0.06
C THR B 459 31.97 5.18 1.28
N ASP B 460 30.93 4.77 2.03
CA ASP B 460 30.25 5.66 2.99
C ASP B 460 29.67 4.89 4.19
N PRO B 461 30.53 4.47 5.14
CA PRO B 461 30.08 3.78 6.36
C PRO B 461 29.01 4.50 7.18
N GLU B 462 29.16 5.81 7.36
CA GLU B 462 28.18 6.61 8.12
C GLU B 462 26.76 6.42 7.55
N ARG B 463 26.65 6.36 6.22
CA ARG B 463 25.37 6.24 5.54
C ARG B 463 24.77 4.85 5.71
N LEU B 464 25.63 3.83 5.57
CA LEU B 464 25.22 2.43 5.73
C LEU B 464 24.58 2.16 7.07
N ARG B 465 25.11 2.74 8.14
CA ARG B 465 24.48 2.66 9.44
C ARG B 465 22.98 2.99 9.37
N THR B 466 22.65 4.10 8.73
CA THR B 466 21.26 4.52 8.57
C THR B 466 20.44 3.53 7.71
N VAL B 467 21.02 3.08 6.61
CA VAL B 467 20.32 2.19 5.66
C VAL B 467 20.00 0.85 6.31
N LEU B 468 21.01 0.32 6.98
CA LEU B 468 20.93 -0.96 7.65
C LEU B 468 19.98 -0.93 8.83
N TYR B 469 20.03 0.13 9.63
CA TYR B 469 19.15 0.25 10.79
C TYR B 469 17.69 0.27 10.36
N ILE B 470 17.38 1.08 9.36
CA ILE B 470 16.02 1.14 8.82
C ILE B 470 15.60 -0.21 8.27
N THR B 471 16.50 -0.90 7.56
CA THR B 471 16.18 -2.20 6.98
C THR B 471 15.83 -3.23 8.04
N LEU B 472 16.68 -3.33 9.05
CA LEU B 472 16.47 -4.27 10.15
C LEU B 472 15.14 -4.00 10.86
N GLU B 473 14.89 -2.73 11.16
CA GLU B 473 13.69 -2.36 11.88
C GLU B 473 12.43 -2.61 11.04
N GLY B 474 12.52 -2.48 9.72
CA GLY B 474 11.40 -2.82 8.84
C GLY B 474 11.16 -4.31 8.82
N VAL B 475 12.23 -5.09 8.76
CA VAL B 475 12.15 -6.53 8.81
C VAL B 475 11.55 -7.00 10.13
N ARG B 476 11.94 -6.37 11.24
CA ARG B 476 11.40 -6.72 12.55
C ARG B 476 9.91 -6.49 12.64
N VAL B 477 9.48 -5.28 12.30
CA VAL B 477 8.09 -4.89 12.42
C VAL B 477 7.18 -5.71 11.50
N THR B 478 7.59 -5.94 10.25
CA THR B 478 6.83 -6.79 9.33
C THR B 478 6.78 -8.23 9.79
N THR B 479 7.87 -8.73 10.36
CA THR B 479 7.95 -10.09 10.85
C THR B 479 7.03 -10.28 12.06
N LEU B 480 6.99 -9.27 12.93
CA LEU B 480 6.10 -9.27 14.09
C LEU B 480 4.64 -9.40 13.67
N LEU B 481 4.22 -8.60 12.70
CA LEU B 481 2.85 -8.66 12.19
C LEU B 481 2.54 -9.90 11.34
N LEU B 482 3.59 -10.53 10.78
CA LEU B 482 3.44 -11.83 10.11
C LEU B 482 3.52 -13.05 11.02
N SER B 483 3.88 -12.86 12.30
CA SER B 483 4.13 -14.00 13.19
C SER B 483 2.88 -14.87 13.45
N PRO B 484 1.66 -14.30 13.37
CA PRO B 484 0.50 -15.20 13.40
C PRO B 484 0.34 -16.11 12.19
N ILE B 485 0.91 -15.72 11.06
CA ILE B 485 0.83 -16.46 9.79
C ILE B 485 1.99 -17.43 9.64
N LEU B 486 3.19 -17.02 10.08
CA LEU B 486 4.41 -17.80 10.00
C LEU B 486 5.02 -17.90 11.41
N PRO B 487 4.34 -18.65 12.30
CA PRO B 487 4.79 -18.65 13.71
C PRO B 487 6.18 -19.25 13.93
N ARG B 488 6.53 -20.29 13.16
CA ARG B 488 7.84 -20.93 13.30
C ARG B 488 8.96 -20.10 12.67
N LYS B 489 8.75 -19.69 11.43
CA LYS B 489 9.73 -18.88 10.70
C LYS B 489 9.98 -17.51 11.35
N SER B 490 8.93 -16.91 11.92
CA SER B 490 9.11 -15.65 12.64
C SER B 490 10.14 -15.78 13.77
N VAL B 491 10.12 -16.94 14.44
CA VAL B 491 11.08 -17.22 15.51
C VAL B 491 12.49 -17.34 14.92
N VAL B 492 12.61 -18.02 13.78
CA VAL B 492 13.91 -18.10 13.10
C VAL B 492 14.41 -16.68 12.74
N ILE B 493 13.54 -15.87 12.14
CA ILE B 493 13.92 -14.52 11.71
C ILE B 493 14.36 -13.69 12.93
N PHE B 494 13.54 -13.67 13.98
CA PHE B 494 13.89 -12.92 15.19
C PHE B 494 15.20 -13.38 15.80
N ASP B 495 15.48 -14.69 15.72
CA ASP B 495 16.75 -15.22 16.22
C ASP B 495 17.93 -14.70 15.40
N MET B 496 17.79 -14.68 14.08
CA MET B 496 18.84 -14.13 13.19
C MET B 496 19.09 -12.65 13.47
N LEU B 497 18.00 -11.90 13.60
CA LEU B 497 18.06 -10.48 13.94
C LEU B 497 18.52 -10.21 15.37
N GLY B 498 18.46 -11.23 16.22
CA GLY B 498 18.91 -11.09 17.60
C GLY B 498 17.93 -10.29 18.45
N VAL B 499 16.64 -10.40 18.12
CA VAL B 499 15.61 -9.63 18.81
C VAL B 499 15.34 -10.31 20.14
N PRO B 500 15.54 -9.59 21.25
CA PRO B 500 15.20 -10.18 22.55
C PRO B 500 13.73 -10.68 22.63
N GLU B 501 13.54 -11.78 23.35
CA GLU B 501 12.21 -12.38 23.56
C GLU B 501 11.14 -11.39 23.99
N VAL B 502 11.50 -10.47 24.88
CA VAL B 502 10.56 -9.49 25.39
C VAL B 502 9.96 -8.60 24.28
N HIS B 503 10.75 -8.35 23.22
CA HIS B 503 10.33 -7.53 22.09
C HIS B 503 9.57 -8.26 20.98
N ARG B 504 9.31 -9.56 21.15
CA ARG B 504 8.64 -10.36 20.12
C ARG B 504 7.13 -10.40 20.28
N LYS B 505 6.60 -9.69 21.28
CA LYS B 505 5.16 -9.52 21.43
C LYS B 505 4.88 -8.25 22.21
N GLY B 506 3.61 -7.85 22.28
CA GLY B 506 3.18 -6.64 22.98
C GLY B 506 3.02 -5.49 22.02
N ILE B 507 1.85 -4.83 22.07
CA ILE B 507 1.55 -3.67 21.23
C ILE B 507 2.61 -2.56 21.34
N GLU B 508 3.25 -2.46 22.50
CA GLU B 508 4.36 -1.53 22.72
C GLU B 508 5.48 -1.73 21.69
N ASN B 509 5.75 -2.97 21.27
CA ASN B 509 6.81 -3.27 20.27
C ASN B 509 6.39 -3.19 18.79
N PHE B 510 5.14 -2.80 18.52
CA PHE B 510 4.71 -2.43 17.17
C PHE B 510 5.35 -1.09 16.75
N GLU B 511 5.73 -0.28 17.74
CA GLU B 511 6.33 1.04 17.49
C GLU B 511 7.72 0.93 16.90
N PHE B 512 8.02 1.87 16.01
CA PHE B 512 9.31 1.98 15.36
C PHE B 512 10.34 2.36 16.42
N GLY B 513 11.50 1.71 16.37
CA GLY B 513 12.59 1.97 17.28
C GLY B 513 12.65 1.18 18.56
N ALA B 514 11.85 0.11 18.68
CA ALA B 514 11.75 -0.64 19.94
C ALA B 514 12.99 -1.44 20.30
N VAL B 515 13.72 -1.94 19.30
CA VAL B 515 14.97 -2.66 19.52
C VAL B 515 16.12 -1.68 19.44
N PRO B 516 16.87 -1.46 20.55
CA PRO B 516 17.89 -0.41 20.56
C PRO B 516 19.15 -0.78 19.79
N PRO B 517 19.85 0.23 19.22
CA PRO B 517 21.12 -0.05 18.56
C PRO B 517 22.16 -0.57 19.54
N GLY B 518 23.04 -1.43 19.06
CA GLY B 518 23.97 -2.18 19.89
C GLY B 518 23.55 -3.62 20.13
N THR B 519 22.30 -3.94 19.82
CA THR B 519 21.79 -5.31 19.92
C THR B 519 22.56 -6.22 18.97
N ARG B 520 23.16 -7.31 19.49
CA ARG B 520 23.94 -8.23 18.66
C ARG B 520 22.97 -9.14 17.89
N LEU B 521 23.28 -9.43 16.62
CA LEU B 521 22.55 -10.46 15.85
C LEU B 521 22.78 -11.84 16.45
N GLY B 522 21.97 -12.81 16.03
CA GLY B 522 22.14 -14.19 16.46
C GLY B 522 23.22 -14.86 15.62
N PRO B 523 23.67 -16.07 16.03
CA PRO B 523 24.63 -16.79 15.19
C PRO B 523 24.08 -17.14 13.79
N ALA B 524 24.96 -17.26 12.83
CA ALA B 524 24.51 -17.57 11.51
C ALA B 524 24.79 -19.02 11.30
N VAL B 525 23.77 -19.81 11.00
CA VAL B 525 23.99 -21.21 10.72
C VAL B 525 24.67 -21.13 9.39
N GLU B 526 25.64 -22.00 9.13
CA GLU B 526 26.34 -21.93 7.87
C GLU B 526 25.56 -22.65 6.82
N GLY B 527 25.19 -21.92 5.76
CA GLY B 527 24.44 -22.48 4.65
C GLY B 527 22.95 -22.61 4.82
N GLU B 528 22.40 -22.08 5.91
CA GLU B 528 20.98 -22.16 6.19
C GLU B 528 20.12 -21.29 5.29
N VAL B 529 18.84 -21.65 5.13
CA VAL B 529 17.92 -20.84 4.33
C VAL B 529 16.55 -20.76 4.97
N LEU B 530 15.94 -19.59 4.99
CA LEU B 530 14.62 -19.47 5.59
C LEU B 530 13.59 -20.21 4.80
N PHE B 531 13.55 -19.94 3.51
CA PHE B 531 12.70 -20.70 2.59
C PHE B 531 13.56 -20.95 1.37
N SER B 532 13.68 -22.20 0.97
CA SER B 532 14.41 -22.57 -0.24
C SER B 532 13.44 -22.71 -1.41
N LYS B 533 13.84 -22.16 -2.55
CA LYS B 533 13.00 -22.13 -3.74
C LYS B 533 12.83 -23.54 -4.31
N ARG B 534 11.80 -23.76 -5.12
CA ARG B 534 11.55 -25.06 -5.76
C ARG B 534 11.32 -24.94 -7.25
N SER B 535 11.63 -26.02 -7.96
CA SER B 535 11.58 -26.07 -9.43
C SER B 535 10.16 -25.84 -9.99
N THR B 536 10.04 -24.99 -11.00
CA THR B 536 8.73 -24.54 -11.51
C THR B 536 8.15 -25.55 -12.51
N MET C . 21.44 24.94 -21.75
CA MET C . 21.64 23.60 -21.13
C MET C . 20.89 22.52 -21.92
O MET C . 20.05 22.78 -22.81
CB MET C . 21.14 23.59 -19.68
CG MET C . 21.59 24.77 -18.83
SD MET C . 20.97 24.69 -17.14
CE MET C . 22.17 25.77 -16.32
OXT MET C . 21.11 21.35 -21.63
CL 96S D . -25.58 -26.13 13.96
O1 96S D . -26.66 -31.76 10.58
C19 96S D . -25.90 -30.96 11.09
N 96S D . -25.92 -29.61 10.91
C1 96S D . -26.93 -28.91 10.13
C 96S D . -26.59 -28.90 8.69
N1 96S D . -24.85 -31.24 11.88
C12 96S D . -24.52 -32.60 12.29
C13 96S D . -25.16 -32.99 13.57
N4 96S D . -24.74 -32.54 14.76
C18 96S D . -25.59 -33.06 15.70
C17 96S D . -25.70 -32.90 17.07
C16 96S D . -26.76 -33.53 17.69
C15 96S D . -27.60 -34.26 16.91
CL1 96S D . -28.94 -35.07 17.65
N3 96S D . -27.50 -34.41 15.60
C14 96S D . -26.48 -33.80 15.02
N2 96S D . -26.22 -33.77 13.67
C11 96S D . -24.24 -30.08 12.19
C2 96S D . -24.87 -29.06 11.59
C3 96S D . -24.55 -27.60 11.52
C4 96S D . -23.53 -27.13 12.55
C10 96S D . -23.91 -26.39 13.65
C9 96S D . -23.02 -25.93 14.57
C7 96S D . -21.68 -26.21 14.42
O 96S D . -20.71 -25.91 15.33
C8 96S D . -21.05 -25.16 16.47
C6 96S D . -21.26 -26.94 13.33
C5 96S D . -22.18 -27.39 12.40
C1 GOL E . -2.10 -12.23 -7.36
O1 GOL E . -0.89 -11.90 -6.67
C2 GOL E . -3.19 -11.89 -6.36
O2 GOL E . -3.10 -10.50 -6.07
C3 GOL E . -4.55 -12.22 -6.92
O3 GOL E . -5.38 -12.48 -5.79
#